data_2F0Y
#
_entry.id   2F0Y
#
_cell.length_a   171.888
_cell.length_b   171.888
_cell.length_c   71.367
_cell.angle_alpha   90.00
_cell.angle_beta   90.00
_cell.angle_gamma   120.00
#
_symmetry.space_group_name_H-M   'P 61'
#
loop_
_entity.id
_entity.type
_entity.pdbx_description
1 polymer 'Protein farnesyltransferase/geranylgeranyltransferase type I alpha subunit'
2 polymer 'Protein farnesyltransferase beta subunit'
3 non-polymer 'ZINC ION'
4 non-polymer 'FARNESYL DIPHOSPHATE'
5 non-polymer 3-({3-[3-(1H-IMIDAZOL-1-YL)PROPYL]-5-METHYL-5-(1-NAPHTHYL)-2,4-DIOXOIMIDAZOLIDIN-1-YL}METHYL)BENZONITRILE
6 water water
#
loop_
_entity_poly.entity_id
_entity_poly.type
_entity_poly.pdbx_seq_one_letter_code
_entity_poly.pdbx_strand_id
1 'polypeptide(L)'
;MAATEGVGEAAQGGEPGQPAQPPPQPHPPPPQQQHKEEMAAEAGEAVASPMDDGFVSLDSPSYVLYRDRAEWADIDPVPQ
NDGPNPVVQIIYSDKFRDVYDYFRAVLQRDERSERAFKLTRDAIELNAANYTVWHFRRVLLKSLQKDLHEEMNYITAIIE
EQPKNYQVWHHRRVLVEWLRDPSQELEFIADILNQDAKNYHAWQHRQWVIQEFKLWDNELQYVDQLLKEDVRNNSVWNQR
YFVISNTTGYNDRAVLEREVQYTLEMIKLVPHNESAWNYLKGILQDRGLSKYPNLLNQLLDLQPSHSSPYLIAFLVDIYE
DMLENQCDNKEDILNKALELCEILAKEKDTIRKEYWRYIGRSLQSKHSTENDSPTNVQQ
;
A
2 'polypeptide(L)'
;MASPSSFTYYCPPSSSPVWSEPLYSLRPEHARERLQDDSVETVTSIEQAKVEEKIQEVFSSYKFNHLVPRLVLQREKHFH
YLKRGLRQLTDAYECLDASRPWLCYWILHSLELLDEPIPQIVATDVCQFLELCQSPEGGFGGGPGQYPHLAPTYAAVNAL
CIIGTEEAYDIINREKLLQYLYSLKQPDGSFLMHVGGEVDVRSAYCAASVASLTNIITPDLFEGTAEWIARCQNWEGGIG
GVPGMEAHGGYTFCGLAALVILKRERSLNLKSLLQWVTSRQMRFEGGFQGRCNKLVDGCYSFWQAGLLPLLHRALHAQGD
PALSMSHWMFHQQALQEYILMCCQCPAGGLLDKPGKSRDFYHTCYCLSGLSIAQHFGSGAMLHDVVLGVPENALQPTHPV
YNIGPDKVIQATTYFLQKPVPGFEELKDETSAEPATD
;
B
#
loop_
_chem_comp.id
_chem_comp.type
_chem_comp.name
_chem_comp.formula
3MN non-polymer 3-({3-[3-(1H-IMIDAZOL-1-YL)PROPYL]-5-METHYL-5-(1-NAPHTHYL)-2,4-DIOXOIMIDAZOLIDIN-1-YL}METHYL)BENZONITRILE 'C28 H25 N5 O2'
FPP non-polymer 'FARNESYL DIPHOSPHATE' 'C15 H28 O7 P2'
ZN non-polymer 'ZINC ION' 'Zn 2'
#
# COMPACT_ATOMS: atom_id res chain seq x y z
N PHE A 55 6.41 26.72 23.93
CA PHE A 55 6.65 28.14 23.58
C PHE A 55 7.89 28.33 22.68
N VAL A 56 9.03 27.81 23.14
CA VAL A 56 10.28 27.92 22.38
C VAL A 56 10.43 26.64 21.55
N SER A 57 10.68 26.82 20.25
CA SER A 57 10.84 25.70 19.33
C SER A 57 11.91 24.65 19.70
N LEU A 58 11.54 23.38 19.55
CA LEU A 58 12.38 22.20 19.82
C LEU A 58 13.81 22.20 19.32
N ASP A 59 14.13 23.07 18.35
CA ASP A 59 15.47 23.11 17.76
C ASP A 59 16.26 24.37 18.13
N SER A 60 15.59 25.29 18.83
CA SER A 60 16.17 26.55 19.27
C SER A 60 17.28 26.30 20.29
N PRO A 61 18.38 27.05 20.16
CA PRO A 61 19.51 26.90 21.09
C PRO A 61 19.15 27.02 22.57
N SER A 62 18.31 28.00 22.89
CA SER A 62 17.89 28.26 24.25
C SER A 62 16.67 27.44 24.66
N TYR A 63 16.49 26.29 24.05
CA TYR A 63 15.35 25.45 24.38
C TYR A 63 15.53 24.79 25.75
N VAL A 64 14.46 24.81 26.54
CA VAL A 64 14.49 24.23 27.87
C VAL A 64 13.40 23.16 28.06
N LEU A 65 13.78 22.02 28.64
CA LEU A 65 12.86 20.93 28.90
C LEU A 65 11.67 21.51 29.65
N TYR A 66 10.56 20.79 29.65
CA TYR A 66 9.36 21.25 30.32
C TYR A 66 9.39 21.19 31.84
N ARG A 67 10.18 20.28 32.41
CA ARG A 67 10.27 20.21 33.87
C ARG A 67 11.02 21.42 34.41
N ASP A 68 12.04 21.86 33.69
CA ASP A 68 12.84 23.02 34.10
C ASP A 68 12.13 24.34 33.80
N ARG A 69 10.82 24.27 33.54
CA ARG A 69 10.04 25.47 33.24
C ARG A 69 9.14 25.87 34.39
N ALA A 70 9.15 27.16 34.71
CA ALA A 70 8.37 27.71 35.80
C ALA A 70 6.88 27.39 35.68
N GLU A 71 6.21 28.11 34.78
CA GLU A 71 4.77 27.96 34.52
C GLU A 71 4.26 26.54 34.35
N TRP A 72 5.13 25.54 34.44
CA TRP A 72 4.73 24.14 34.32
C TRP A 72 4.99 23.38 35.59
N ALA A 73 5.22 24.11 36.69
CA ALA A 73 5.53 23.51 37.98
C ALA A 73 4.34 22.88 38.72
N ASP A 74 3.16 23.49 38.55
CA ASP A 74 1.96 23.01 39.21
C ASP A 74 1.45 21.70 38.67
N ILE A 75 2.01 21.26 37.55
CA ILE A 75 1.54 20.03 36.93
C ILE A 75 2.59 18.92 36.95
N ASP A 76 2.19 17.76 37.47
CA ASP A 76 3.09 16.62 37.53
C ASP A 76 3.13 15.81 36.25
N PRO A 77 4.36 15.45 35.82
CA PRO A 77 4.64 14.68 34.62
C PRO A 77 4.13 13.26 34.77
N VAL A 78 3.39 12.79 33.78
CA VAL A 78 2.84 11.44 33.81
C VAL A 78 3.72 10.53 32.95
N PRO A 79 4.35 9.54 33.58
CA PRO A 79 5.23 8.56 32.94
C PRO A 79 4.40 7.63 32.07
N GLN A 80 5.04 6.97 31.10
CA GLN A 80 4.30 6.07 30.25
C GLN A 80 4.24 4.71 30.88
N ASN A 81 3.04 4.17 30.89
CA ASN A 81 2.78 2.88 31.48
C ASN A 81 3.06 1.75 30.50
N ASP A 82 4.30 1.25 30.47
CA ASP A 82 4.65 0.15 29.56
C ASP A 82 4.67 -1.23 30.20
N GLY A 83 4.31 -1.30 31.48
CA GLY A 83 4.29 -2.58 32.16
C GLY A 83 5.62 -3.07 32.70
N PRO A 84 5.60 -4.03 33.64
CA PRO A 84 6.77 -4.62 34.29
C PRO A 84 7.95 -4.84 33.36
N ASN A 85 7.83 -5.79 32.43
CA ASN A 85 8.88 -6.06 31.46
C ASN A 85 8.40 -5.77 30.03
N PRO A 86 8.62 -4.54 29.58
CA PRO A 86 8.25 -4.00 28.27
C PRO A 86 8.60 -4.87 27.05
N VAL A 87 8.03 -4.48 25.91
CA VAL A 87 8.27 -5.11 24.60
C VAL A 87 8.32 -3.93 23.64
N VAL A 88 9.11 -4.05 22.58
CA VAL A 88 9.26 -2.97 21.61
C VAL A 88 9.22 -1.61 22.31
N GLN A 89 9.98 -1.50 23.39
CA GLN A 89 10.04 -0.26 24.16
C GLN A 89 11.11 0.63 23.59
N ILE A 90 10.68 1.74 23.01
CA ILE A 90 11.58 2.69 22.39
C ILE A 90 12.36 3.47 23.44
N ILE A 91 13.67 3.55 23.25
CA ILE A 91 14.51 4.30 24.17
C ILE A 91 14.35 5.75 23.76
N TYR A 92 13.30 6.41 24.25
CA TYR A 92 13.05 7.80 23.85
C TYR A 92 14.16 8.69 24.34
N SER A 93 14.49 9.71 23.55
CA SER A 93 15.54 10.64 23.94
C SER A 93 14.93 11.46 25.06
N ASP A 94 15.77 12.19 25.79
CA ASP A 94 15.30 13.00 26.91
C ASP A 94 14.35 14.12 26.44
N LYS A 95 14.73 14.82 25.38
CA LYS A 95 13.89 15.90 24.88
C LYS A 95 12.52 15.37 24.49
N PHE A 96 12.48 14.13 24.04
CA PHE A 96 11.24 13.48 23.62
C PHE A 96 10.35 13.10 24.80
N ARG A 97 10.88 12.21 25.64
CA ARG A 97 10.20 11.71 26.82
C ARG A 97 9.63 12.81 27.72
N ASP A 98 10.33 13.94 27.72
CA ASP A 98 9.94 15.10 28.51
C ASP A 98 8.58 15.61 28.03
N VAL A 99 8.54 16.11 26.80
CA VAL A 99 7.32 16.66 26.23
C VAL A 99 6.12 15.74 26.31
N TYR A 100 6.32 14.45 26.04
CA TYR A 100 5.21 13.54 26.10
C TYR A 100 4.78 13.19 27.51
N ASP A 101 5.72 13.18 28.45
CA ASP A 101 5.37 12.87 29.82
C ASP A 101 4.47 13.97 30.33
N TYR A 102 4.66 15.17 29.78
CA TYR A 102 3.86 16.32 30.17
C TYR A 102 2.54 16.33 29.39
N PHE A 103 2.54 15.75 28.19
CA PHE A 103 1.31 15.70 27.42
C PHE A 103 0.40 14.67 28.10
N ARG A 104 0.95 13.50 28.42
CA ARG A 104 0.17 12.45 29.08
C ARG A 104 -0.51 13.03 30.32
N ALA A 105 -0.09 14.23 30.70
CA ALA A 105 -0.63 14.92 31.86
C ALA A 105 -1.83 15.79 31.49
N VAL A 106 -1.58 16.87 30.74
CA VAL A 106 -2.67 17.77 30.35
C VAL A 106 -3.79 17.00 29.65
N LEU A 107 -3.48 15.80 29.18
CA LEU A 107 -4.48 14.99 28.52
C LEU A 107 -5.23 14.19 29.57
N GLN A 108 -4.46 13.54 30.43
CA GLN A 108 -5.02 12.71 31.49
C GLN A 108 -5.94 13.53 32.40
N ARG A 109 -5.83 14.85 32.31
CA ARG A 109 -6.64 15.76 33.09
C ARG A 109 -7.71 16.32 32.20
N ASP A 110 -7.33 16.50 30.94
CA ASP A 110 -8.18 17.07 29.90
C ASP A 110 -8.14 18.56 30.15
N GLU A 111 -6.96 19.00 30.56
CA GLU A 111 -6.73 20.40 30.84
C GLU A 111 -6.85 21.13 29.51
N ARG A 112 -8.07 21.48 29.14
CA ARG A 112 -8.29 22.18 27.89
C ARG A 112 -7.82 23.61 28.06
N SER A 113 -6.54 23.72 28.35
CA SER A 113 -5.90 25.00 28.56
C SER A 113 -5.13 25.48 27.35
N GLU A 114 -4.91 26.79 27.30
CA GLU A 114 -4.19 27.44 26.22
C GLU A 114 -2.74 26.97 26.18
N ARG A 115 -2.16 26.67 27.34
CA ARG A 115 -0.77 26.22 27.39
C ARG A 115 -0.60 24.80 26.82
N ALA A 116 -1.57 23.93 27.07
CA ALA A 116 -1.53 22.57 26.56
C ALA A 116 -1.69 22.62 25.03
N PHE A 117 -2.21 23.74 24.55
CA PHE A 117 -2.38 23.94 23.12
C PHE A 117 -1.03 24.16 22.51
N LYS A 118 -0.16 24.83 23.25
CA LYS A 118 1.17 25.10 22.76
C LYS A 118 2.02 23.86 22.87
N LEU A 119 1.76 23.07 23.90
CA LEU A 119 2.48 21.83 24.12
C LEU A 119 2.21 20.85 22.96
N THR A 120 1.06 21.00 22.31
CA THR A 120 0.69 20.12 21.19
C THR A 120 1.61 20.32 19.99
N ARG A 121 1.95 21.57 19.68
CA ARG A 121 2.85 21.80 18.57
C ARG A 121 4.13 21.00 18.74
N ASP A 122 4.73 21.06 19.93
CA ASP A 122 5.95 20.34 20.21
C ASP A 122 5.80 18.82 20.14
N ALA A 123 4.68 18.30 20.63
CA ALA A 123 4.43 16.87 20.59
C ALA A 123 4.29 16.43 19.13
N ILE A 124 3.63 17.25 18.33
CA ILE A 124 3.41 16.98 16.92
C ILE A 124 4.71 17.07 16.13
N GLU A 125 5.63 17.90 16.62
CA GLU A 125 6.91 18.08 15.97
C GLU A 125 7.75 16.82 16.14
N LEU A 126 7.81 16.34 17.38
CA LEU A 126 8.59 15.14 17.71
C LEU A 126 8.05 13.86 17.05
N ASN A 127 6.76 13.85 16.76
CA ASN A 127 6.10 12.71 16.11
C ASN A 127 4.78 13.15 15.47
N ALA A 128 4.86 13.72 14.28
CA ALA A 128 3.67 14.21 13.56
C ALA A 128 2.58 13.14 13.36
N ALA A 129 2.98 11.87 13.42
CA ALA A 129 2.08 10.75 13.23
C ALA A 129 1.25 10.34 14.45
N ASN A 130 1.33 11.11 15.52
CA ASN A 130 0.56 10.79 16.71
C ASN A 130 -0.84 11.37 16.62
N TYR A 131 -1.80 10.53 16.24
CA TYR A 131 -3.19 10.93 16.10
C TYR A 131 -3.83 11.30 17.45
N THR A 132 -3.34 10.69 18.52
CA THR A 132 -3.89 11.01 19.84
C THR A 132 -3.63 12.49 20.10
N VAL A 133 -2.39 12.91 19.88
CA VAL A 133 -2.00 14.31 20.07
C VAL A 133 -2.76 15.21 19.13
N TRP A 134 -2.81 14.84 17.85
CA TRP A 134 -3.52 15.63 16.85
C TRP A 134 -4.97 15.79 17.23
N HIS A 135 -5.60 14.71 17.70
CA HIS A 135 -6.99 14.77 18.10
C HIS A 135 -7.21 15.77 19.20
N PHE A 136 -6.36 15.72 20.22
CA PHE A 136 -6.44 16.65 21.34
C PHE A 136 -6.17 18.09 20.88
N ARG A 137 -5.46 18.25 19.75
CA ARG A 137 -5.14 19.57 19.23
C ARG A 137 -6.38 20.21 18.61
N ARG A 138 -7.27 19.36 18.11
CA ARG A 138 -8.52 19.83 17.51
C ARG A 138 -9.55 20.06 18.63
N VAL A 139 -9.42 19.29 19.70
CA VAL A 139 -10.29 19.46 20.86
C VAL A 139 -10.02 20.87 21.40
N LEU A 140 -8.75 21.17 21.64
CA LEU A 140 -8.35 22.49 22.14
C LEU A 140 -8.62 23.57 21.11
N LEU A 141 -8.37 23.26 19.84
CA LEU A 141 -8.61 24.22 18.79
C LEU A 141 -10.02 24.81 18.90
N LYS A 142 -11.01 23.94 19.11
CA LYS A 142 -12.39 24.38 19.23
C LYS A 142 -12.60 25.12 20.55
N SER A 143 -12.52 24.35 21.63
CA SER A 143 -12.68 24.83 23.02
C SER A 143 -12.05 26.21 23.34
N LEU A 144 -10.85 26.46 22.83
CA LEU A 144 -10.18 27.73 23.09
C LEU A 144 -10.44 28.75 21.97
N GLN A 145 -11.26 28.38 21.01
CA GLN A 145 -11.59 29.25 19.88
C GLN A 145 -10.36 29.97 19.30
N LYS A 146 -9.43 29.21 18.73
CA LYS A 146 -8.21 29.74 18.15
C LYS A 146 -8.42 30.22 16.71
N ASP A 147 -7.55 31.10 16.24
CA ASP A 147 -7.67 31.64 14.88
C ASP A 147 -7.46 30.58 13.81
N LEU A 148 -8.56 30.01 13.32
CA LEU A 148 -8.46 28.99 12.29
C LEU A 148 -7.63 29.48 11.11
N HIS A 149 -7.50 30.80 10.96
CA HIS A 149 -6.72 31.37 9.86
C HIS A 149 -5.23 31.36 10.16
N GLU A 150 -4.92 31.28 11.45
CA GLU A 150 -3.54 31.26 11.93
C GLU A 150 -3.12 29.78 11.87
N GLU A 151 -4.08 28.89 12.09
CA GLU A 151 -3.85 27.45 12.04
C GLU A 151 -3.44 27.00 10.63
N MET A 152 -4.15 27.49 9.62
CA MET A 152 -3.85 27.16 8.23
C MET A 152 -2.38 27.44 8.01
N ASN A 153 -1.93 28.54 8.61
CA ASN A 153 -0.55 28.97 8.51
C ASN A 153 0.38 27.93 9.13
N TYR A 154 -0.07 27.34 10.23
CA TYR A 154 0.71 26.31 10.91
C TYR A 154 0.82 25.11 10.00
N ILE A 155 -0.31 24.44 9.80
CA ILE A 155 -0.37 23.24 8.97
C ILE A 155 0.33 23.41 7.63
N THR A 156 0.35 24.61 7.09
CA THR A 156 1.01 24.82 5.81
C THR A 156 2.49 24.57 5.98
N ALA A 157 3.03 25.04 7.09
CA ALA A 157 4.45 24.86 7.38
C ALA A 157 4.78 23.42 7.76
N ILE A 158 3.86 22.76 8.44
CA ILE A 158 4.05 21.37 8.84
C ILE A 158 3.99 20.46 7.62
N ILE A 159 2.98 20.67 6.79
CA ILE A 159 2.82 19.86 5.59
C ILE A 159 4.00 20.13 4.65
N GLU A 160 4.61 21.30 4.81
CA GLU A 160 5.76 21.65 4.00
C GLU A 160 6.99 20.90 4.49
N GLU A 161 7.11 20.75 5.80
CA GLU A 161 8.25 20.06 6.36
C GLU A 161 8.06 18.55 6.50
N GLN A 162 6.81 18.10 6.46
CA GLN A 162 6.51 16.67 6.57
C GLN A 162 5.37 16.35 5.63
N PRO A 163 5.62 16.50 4.32
CA PRO A 163 4.62 16.23 3.28
C PRO A 163 4.09 14.81 3.18
N LYS A 164 4.91 13.82 3.54
CA LYS A 164 4.49 12.44 3.41
C LYS A 164 3.79 11.84 4.62
N ASN A 165 3.22 12.69 5.46
CA ASN A 165 2.51 12.26 6.66
C ASN A 165 0.99 12.33 6.52
N TYR A 166 0.29 11.30 6.98
CA TYR A 166 -1.15 11.26 6.90
C TYR A 166 -1.84 12.36 7.71
N GLN A 167 -1.60 12.39 9.00
CA GLN A 167 -2.27 13.37 9.85
C GLN A 167 -2.11 14.84 9.49
N VAL A 168 -0.98 15.22 8.89
CA VAL A 168 -0.84 16.62 8.56
C VAL A 168 -1.91 17.03 7.57
N TRP A 169 -2.11 16.20 6.55
CA TRP A 169 -3.09 16.48 5.51
C TRP A 169 -4.54 16.41 5.99
N HIS A 170 -4.87 15.39 6.76
CA HIS A 170 -6.23 15.28 7.26
C HIS A 170 -6.58 16.51 8.07
N HIS A 171 -5.61 17.02 8.81
CA HIS A 171 -5.80 18.20 9.64
C HIS A 171 -6.17 19.39 8.76
N ARG A 172 -5.39 19.60 7.71
CA ARG A 172 -5.65 20.71 6.79
C ARG A 172 -7.07 20.66 6.22
N ARG A 173 -7.57 19.46 5.98
CA ARG A 173 -8.91 19.32 5.44
C ARG A 173 -9.90 19.86 6.46
N VAL A 174 -9.88 19.27 7.66
CA VAL A 174 -10.74 19.67 8.75
C VAL A 174 -10.79 21.19 8.89
N LEU A 175 -9.66 21.84 8.59
CA LEU A 175 -9.59 23.30 8.67
C LEU A 175 -10.36 23.97 7.53
N VAL A 176 -10.17 23.46 6.31
CA VAL A 176 -10.85 23.98 5.11
C VAL A 176 -12.34 23.77 5.31
N GLU A 177 -12.70 22.63 5.88
CA GLU A 177 -14.09 22.32 6.13
C GLU A 177 -14.65 23.34 7.09
N TRP A 178 -14.04 23.44 8.27
CA TRP A 178 -14.49 24.39 9.28
C TRP A 178 -14.74 25.77 8.67
N LEU A 179 -13.72 26.31 8.00
CA LEU A 179 -13.83 27.63 7.38
C LEU A 179 -14.69 27.66 6.11
N ARG A 180 -14.93 26.49 5.53
CA ARG A 180 -15.72 26.42 4.31
C ARG A 180 -15.02 27.33 3.29
N ASP A 181 -13.68 27.37 3.34
CA ASP A 181 -12.86 28.20 2.45
C ASP A 181 -11.64 27.51 1.81
N PRO A 182 -11.72 27.21 0.51
CA PRO A 182 -10.63 26.55 -0.23
C PRO A 182 -9.74 27.46 -1.08
N SER A 183 -9.90 28.76 -0.92
CA SER A 183 -9.15 29.74 -1.70
C SER A 183 -7.64 29.56 -1.82
N GLN A 184 -7.00 28.90 -0.86
CA GLN A 184 -5.54 28.72 -0.93
C GLN A 184 -5.11 27.32 -1.38
N GLU A 185 -6.07 26.39 -1.42
CA GLU A 185 -5.80 25.01 -1.77
C GLU A 185 -4.99 24.71 -3.02
N LEU A 186 -5.59 24.87 -4.19
CA LEU A 186 -4.86 24.57 -5.40
C LEU A 186 -3.44 25.10 -5.37
N GLU A 187 -3.28 26.38 -5.07
CA GLU A 187 -1.96 26.99 -5.04
C GLU A 187 -0.97 26.28 -4.13
N PHE A 188 -1.45 25.85 -2.95
CA PHE A 188 -0.61 25.16 -1.98
C PHE A 188 -0.21 23.75 -2.42
N ILE A 189 -1.19 22.95 -2.85
CA ILE A 189 -0.94 21.59 -3.31
C ILE A 189 0.03 21.59 -4.52
N ALA A 190 0.00 22.64 -5.32
CA ALA A 190 0.86 22.71 -6.48
C ALA A 190 2.29 22.96 -6.08
N ASP A 191 2.47 23.58 -4.92
CA ASP A 191 3.80 23.88 -4.39
C ASP A 191 4.41 22.60 -3.84
N ILE A 192 3.61 21.82 -3.13
CA ILE A 192 4.09 20.57 -2.58
C ILE A 192 4.41 19.68 -3.80
N LEU A 193 3.46 19.59 -4.73
CA LEU A 193 3.62 18.79 -5.93
C LEU A 193 4.80 19.21 -6.78
N ASN A 194 5.23 20.44 -6.60
CA ASN A 194 6.36 20.97 -7.35
C ASN A 194 7.67 20.36 -6.84
N GLN A 195 7.67 19.96 -5.56
CA GLN A 195 8.84 19.35 -4.94
C GLN A 195 8.76 17.83 -5.11
N ASP A 196 7.54 17.32 -5.20
CA ASP A 196 7.27 15.90 -5.40
C ASP A 196 5.98 15.83 -6.22
N ALA A 197 6.15 15.65 -7.52
CA ALA A 197 5.01 15.58 -8.43
C ALA A 197 4.10 14.39 -8.17
N LYS A 198 4.62 13.38 -7.49
CA LYS A 198 3.85 12.17 -7.24
C LYS A 198 3.32 11.94 -5.83
N ASN A 199 3.60 12.86 -4.92
CA ASN A 199 3.14 12.75 -3.55
C ASN A 199 1.67 12.37 -3.54
N TYR A 200 1.39 11.17 -3.02
CA TYR A 200 0.04 10.63 -2.95
C TYR A 200 -0.91 11.45 -2.12
N HIS A 201 -0.47 11.79 -0.91
CA HIS A 201 -1.28 12.58 0.01
C HIS A 201 -1.69 13.92 -0.63
N ALA A 202 -0.83 14.43 -1.49
CA ALA A 202 -1.07 15.68 -2.18
C ALA A 202 -2.21 15.50 -3.17
N TRP A 203 -2.00 14.60 -4.12
CA TRP A 203 -2.96 14.30 -5.14
C TRP A 203 -4.31 13.94 -4.58
N GLN A 204 -4.34 13.27 -3.44
CA GLN A 204 -5.61 12.92 -2.86
C GLN A 204 -6.31 14.14 -2.32
N HIS A 205 -5.56 15.02 -1.67
CA HIS A 205 -6.15 16.22 -1.11
C HIS A 205 -6.62 17.11 -2.24
N ARG A 206 -5.88 17.10 -3.34
CA ARG A 206 -6.23 17.92 -4.50
C ARG A 206 -7.54 17.45 -5.12
N GLN A 207 -7.73 16.14 -5.24
CA GLN A 207 -8.97 15.64 -5.80
C GLN A 207 -10.15 16.02 -4.92
N TRP A 208 -9.94 16.08 -3.61
CA TRP A 208 -11.01 16.44 -2.69
C TRP A 208 -11.46 17.87 -2.90
N VAL A 209 -10.53 18.80 -2.85
CA VAL A 209 -10.81 20.22 -3.05
C VAL A 209 -11.77 20.37 -4.23
N ILE A 210 -11.23 20.13 -5.42
CA ILE A 210 -11.95 20.21 -6.69
C ILE A 210 -13.39 19.69 -6.62
N GLN A 211 -13.54 18.41 -6.31
CA GLN A 211 -14.86 17.82 -6.20
C GLN A 211 -15.75 18.52 -5.17
N GLU A 212 -15.16 18.91 -4.04
CA GLU A 212 -15.93 19.59 -2.99
C GLU A 212 -16.35 21.00 -3.32
N PHE A 213 -15.47 21.77 -3.95
CA PHE A 213 -15.80 23.14 -4.28
C PHE A 213 -15.88 23.42 -5.78
N LYS A 214 -16.33 22.42 -6.55
CA LYS A 214 -16.46 22.59 -8.00
C LYS A 214 -15.29 23.37 -8.64
N LEU A 215 -14.06 22.89 -8.44
CA LEU A 215 -12.91 23.60 -8.99
C LEU A 215 -12.25 22.98 -10.22
N TRP A 216 -13.06 22.36 -11.06
CA TRP A 216 -12.59 21.69 -12.29
C TRP A 216 -11.98 22.63 -13.35
N ASP A 217 -12.49 23.85 -13.42
CA ASP A 217 -12.05 24.86 -14.39
C ASP A 217 -10.61 24.88 -14.91
N ASN A 218 -9.64 24.70 -14.03
CA ASN A 218 -8.26 24.77 -14.50
C ASN A 218 -7.42 23.54 -14.27
N GLU A 219 -8.00 22.51 -13.68
CA GLU A 219 -7.21 21.31 -13.42
C GLU A 219 -6.64 20.65 -14.67
N LEU A 220 -7.41 20.66 -15.77
CA LEU A 220 -6.93 20.04 -16.99
C LEU A 220 -5.68 20.73 -17.49
N GLN A 221 -5.73 22.06 -17.54
CA GLN A 221 -4.58 22.84 -17.99
C GLN A 221 -3.37 22.57 -17.08
N TYR A 222 -3.66 22.34 -15.81
CA TYR A 222 -2.63 22.05 -14.82
C TYR A 222 -1.98 20.73 -15.23
N VAL A 223 -2.83 19.74 -15.49
CA VAL A 223 -2.39 18.42 -15.91
C VAL A 223 -1.47 18.52 -17.13
N ASP A 224 -1.92 19.28 -18.12
CA ASP A 224 -1.15 19.45 -19.36
C ASP A 224 0.21 20.03 -19.13
N GLN A 225 0.28 20.97 -18.19
CA GLN A 225 1.53 21.59 -17.86
C GLN A 225 2.47 20.54 -17.27
N LEU A 226 1.95 19.78 -16.29
CA LEU A 226 2.74 18.76 -15.60
C LEU A 226 3.15 17.61 -16.48
N LEU A 227 2.32 17.26 -17.46
CA LEU A 227 2.67 16.18 -18.38
C LEU A 227 3.83 16.68 -19.25
N LYS A 228 3.85 17.99 -19.50
CA LYS A 228 4.91 18.62 -20.28
C LYS A 228 6.21 18.34 -19.56
N GLU A 229 6.23 18.72 -18.28
CA GLU A 229 7.40 18.54 -17.43
C GLU A 229 7.78 17.07 -17.37
N ASP A 230 6.82 16.22 -17.02
CA ASP A 230 7.09 14.79 -16.98
C ASP A 230 5.88 14.04 -17.49
N VAL A 231 6.01 13.50 -18.69
CA VAL A 231 4.92 12.76 -19.30
C VAL A 231 4.82 11.36 -18.69
N ARG A 232 5.86 10.95 -17.97
CA ARG A 232 5.85 9.64 -17.34
C ARG A 232 5.16 9.63 -15.97
N ASN A 233 4.64 10.79 -15.57
CA ASN A 233 3.96 10.94 -14.30
C ASN A 233 2.58 10.28 -14.34
N ASN A 234 2.51 9.09 -13.78
CA ASN A 234 1.28 8.34 -13.79
C ASN A 234 0.22 8.96 -12.89
N SER A 235 0.64 9.82 -11.96
CA SER A 235 -0.29 10.46 -11.04
C SER A 235 -1.06 11.58 -11.73
N VAL A 236 -0.45 12.13 -12.78
CA VAL A 236 -1.06 13.21 -13.57
C VAL A 236 -1.95 12.62 -14.67
N TRP A 237 -1.64 11.40 -15.11
CA TRP A 237 -2.47 10.74 -16.11
C TRP A 237 -3.71 10.32 -15.37
N ASN A 238 -3.57 10.11 -14.06
CA ASN A 238 -4.72 9.74 -13.27
C ASN A 238 -5.55 10.97 -13.00
N GLN A 239 -4.90 12.10 -12.81
CA GLN A 239 -5.62 13.33 -12.57
C GLN A 239 -6.36 13.73 -13.84
N ARG A 240 -5.80 13.38 -14.98
CA ARG A 240 -6.42 13.70 -16.26
C ARG A 240 -7.75 12.94 -16.37
N TYR A 241 -7.69 11.63 -16.16
CA TYR A 241 -8.89 10.81 -16.23
C TYR A 241 -9.93 11.31 -15.22
N PHE A 242 -9.42 11.73 -14.08
CA PHE A 242 -10.25 12.27 -13.01
C PHE A 242 -11.04 13.49 -13.49
N VAL A 243 -10.34 14.52 -13.93
CA VAL A 243 -11.00 15.74 -14.40
C VAL A 243 -12.07 15.38 -15.42
N ILE A 244 -11.64 15.05 -16.62
CA ILE A 244 -12.54 14.68 -17.71
C ILE A 244 -13.78 13.90 -17.24
N SER A 245 -13.57 12.74 -16.62
CA SER A 245 -14.66 11.89 -16.11
C SER A 245 -15.77 12.65 -15.38
N ASN A 246 -15.39 13.73 -14.72
CA ASN A 246 -16.32 14.53 -13.94
C ASN A 246 -16.64 15.86 -14.60
N THR A 247 -16.37 15.94 -15.90
CA THR A 247 -16.64 17.17 -16.63
C THR A 247 -17.42 16.87 -17.92
N THR A 248 -16.67 16.52 -18.97
CA THR A 248 -17.25 16.22 -20.27
C THR A 248 -17.52 14.72 -20.42
N GLY A 249 -16.78 13.92 -19.66
CA GLY A 249 -16.91 12.49 -19.77
C GLY A 249 -16.23 12.06 -21.06
N TYR A 250 -16.10 10.76 -21.29
CA TYR A 250 -15.46 10.27 -22.50
C TYR A 250 -16.50 9.78 -23.52
N ASN A 251 -17.79 10.01 -23.21
CA ASN A 251 -18.85 9.60 -24.12
C ASN A 251 -18.86 10.54 -25.32
N ASP A 252 -18.56 11.81 -25.07
CA ASP A 252 -18.52 12.80 -26.14
C ASP A 252 -17.40 12.42 -27.10
N ARG A 253 -17.78 12.17 -28.34
CA ARG A 253 -16.84 11.76 -29.38
C ARG A 253 -15.75 12.78 -29.68
N ALA A 254 -16.06 14.07 -29.57
CA ALA A 254 -15.07 15.10 -29.83
C ALA A 254 -13.98 15.00 -28.76
N VAL A 255 -14.42 14.91 -27.51
CA VAL A 255 -13.49 14.79 -26.39
C VAL A 255 -12.68 13.50 -26.54
N LEU A 256 -13.35 12.36 -26.50
CA LEU A 256 -12.67 11.06 -26.64
C LEU A 256 -11.67 11.07 -27.80
N GLU A 257 -12.06 11.75 -28.86
CA GLU A 257 -11.28 11.90 -30.09
C GLU A 257 -9.96 12.59 -29.78
N ARG A 258 -10.08 13.80 -29.26
CA ARG A 258 -8.94 14.63 -28.88
C ARG A 258 -7.98 13.86 -28.00
N GLU A 259 -8.53 13.18 -27.00
CA GLU A 259 -7.72 12.43 -26.05
C GLU A 259 -6.88 11.33 -26.68
N VAL A 260 -7.48 10.53 -27.56
CA VAL A 260 -6.74 9.46 -28.20
C VAL A 260 -5.59 9.99 -29.04
N GLN A 261 -5.81 11.08 -29.77
CA GLN A 261 -4.76 11.65 -30.59
C GLN A 261 -3.64 12.08 -29.67
N TYR A 262 -3.99 12.87 -28.66
CA TYR A 262 -3.00 13.35 -27.69
C TYR A 262 -2.20 12.18 -27.10
N THR A 263 -2.93 11.15 -26.65
CA THR A 263 -2.31 9.96 -26.06
C THR A 263 -1.36 9.37 -27.09
N LEU A 264 -1.89 9.10 -28.28
CA LEU A 264 -1.09 8.53 -29.34
C LEU A 264 0.17 9.37 -29.58
N GLU A 265 -0.01 10.69 -29.67
CA GLU A 265 1.12 11.57 -29.91
C GLU A 265 2.19 11.41 -28.83
N MET A 266 1.75 11.15 -27.61
CA MET A 266 2.67 10.97 -26.49
C MET A 266 3.39 9.64 -26.65
N ILE A 267 2.64 8.63 -27.08
CA ILE A 267 3.22 7.31 -27.27
C ILE A 267 4.25 7.42 -28.41
N LYS A 268 3.87 8.10 -29.49
CA LYS A 268 4.79 8.27 -30.59
C LYS A 268 6.03 8.96 -30.03
N LEU A 269 5.82 10.10 -29.37
CA LEU A 269 6.91 10.87 -28.78
C LEU A 269 7.80 10.09 -27.81
N VAL A 270 7.21 9.16 -27.04
CA VAL A 270 7.95 8.32 -26.08
C VAL A 270 7.28 6.94 -25.99
N PRO A 271 7.41 6.13 -27.04
CA PRO A 271 6.81 4.79 -27.14
C PRO A 271 6.93 3.83 -25.95
N HIS A 272 7.98 3.98 -25.14
CA HIS A 272 8.15 3.08 -24.01
C HIS A 272 7.61 3.57 -22.67
N ASN A 273 6.86 4.65 -22.69
CA ASN A 273 6.25 5.18 -21.47
C ASN A 273 4.92 4.46 -21.28
N GLU A 274 4.93 3.43 -20.44
CA GLU A 274 3.74 2.64 -20.15
C GLU A 274 2.49 3.41 -19.72
N SER A 275 2.66 4.47 -18.95
CA SER A 275 1.51 5.25 -18.49
C SER A 275 0.56 5.67 -19.61
N ALA A 276 1.11 6.13 -20.73
CA ALA A 276 0.29 6.56 -21.86
C ALA A 276 -0.50 5.41 -22.44
N TRP A 277 0.15 4.27 -22.60
CA TRP A 277 -0.54 3.10 -23.13
C TRP A 277 -1.74 2.81 -22.23
N ASN A 278 -1.49 2.72 -20.93
CA ASN A 278 -2.51 2.47 -19.92
C ASN A 278 -3.72 3.42 -20.06
N TYR A 279 -3.44 4.70 -20.29
CA TYR A 279 -4.49 5.70 -20.47
C TYR A 279 -5.34 5.40 -21.70
N LEU A 280 -4.65 5.11 -22.80
CA LEU A 280 -5.31 4.79 -24.06
C LEU A 280 -6.24 3.61 -23.84
N LYS A 281 -5.72 2.63 -23.13
CA LYS A 281 -6.45 1.43 -22.82
C LYS A 281 -7.63 1.75 -21.90
N GLY A 282 -7.36 2.49 -20.82
CA GLY A 282 -8.39 2.84 -19.88
C GLY A 282 -9.55 3.60 -20.47
N ILE A 283 -9.26 4.49 -21.42
CA ILE A 283 -10.31 5.28 -22.02
C ILE A 283 -11.06 4.56 -23.14
N LEU A 284 -10.55 3.42 -23.59
CA LEU A 284 -11.24 2.67 -24.64
C LEU A 284 -11.78 1.30 -24.21
N GLN A 285 -11.01 0.61 -23.36
CA GLN A 285 -11.30 -0.74 -22.87
C GLN A 285 -12.71 -1.12 -22.48
N ASP A 286 -13.28 -0.45 -21.49
CA ASP A 286 -14.62 -0.79 -21.05
C ASP A 286 -15.70 -0.59 -22.09
N ARG A 287 -15.53 0.40 -22.97
CA ARG A 287 -16.51 0.64 -24.03
C ARG A 287 -16.33 -0.33 -25.20
N GLY A 288 -15.19 -1.02 -25.23
CA GLY A 288 -14.93 -2.01 -26.26
C GLY A 288 -13.84 -1.65 -27.26
N LEU A 289 -12.68 -2.31 -27.16
CA LEU A 289 -11.60 -2.04 -28.11
C LEU A 289 -12.08 -2.47 -29.50
N SER A 290 -12.76 -3.61 -29.57
CA SER A 290 -13.28 -4.12 -30.83
C SER A 290 -14.25 -3.12 -31.48
N LYS A 291 -14.79 -2.21 -30.68
CA LYS A 291 -15.72 -1.17 -31.16
C LYS A 291 -14.98 -0.11 -32.02
N TYR A 292 -13.65 -0.08 -31.96
CA TYR A 292 -12.86 0.88 -32.75
C TYR A 292 -11.81 0.16 -33.62
N PRO A 293 -12.20 -0.23 -34.87
CA PRO A 293 -11.35 -0.95 -35.83
C PRO A 293 -10.08 -0.24 -36.28
N ASN A 294 -10.19 1.04 -36.62
CA ASN A 294 -9.02 1.77 -37.08
C ASN A 294 -7.81 1.57 -36.19
N LEU A 295 -8.00 1.81 -34.89
CA LEU A 295 -6.93 1.66 -33.93
C LEU A 295 -6.14 0.37 -34.12
N LEU A 296 -6.83 -0.76 -34.17
CA LEU A 296 -6.16 -2.06 -34.35
C LEU A 296 -5.12 -2.00 -35.44
N ASN A 297 -5.46 -1.30 -36.52
CA ASN A 297 -4.56 -1.17 -37.66
C ASN A 297 -3.52 -0.09 -37.44
N GLN A 298 -3.96 1.09 -37.04
CA GLN A 298 -3.02 2.18 -36.80
C GLN A 298 -1.87 1.81 -35.85
N LEU A 299 -1.95 0.63 -35.23
CA LEU A 299 -0.88 0.16 -34.34
C LEU A 299 -0.03 -0.87 -35.08
N LEU A 300 -0.69 -1.84 -35.72
CA LEU A 300 0.02 -2.87 -36.47
C LEU A 300 0.57 -2.29 -37.77
N ASP A 301 0.87 -0.99 -37.71
CA ASP A 301 1.44 -0.26 -38.83
C ASP A 301 2.65 0.50 -38.28
N LEU A 302 2.94 0.25 -37.00
CA LEU A 302 4.06 0.89 -36.34
C LEU A 302 4.94 -0.23 -35.77
N GLN A 303 4.44 -1.45 -35.99
CA GLN A 303 5.09 -2.70 -35.58
C GLN A 303 6.60 -2.72 -35.86
N PRO A 304 7.01 -2.38 -37.09
CA PRO A 304 8.44 -2.38 -37.41
C PRO A 304 9.21 -1.32 -36.64
N SER A 305 8.78 -0.08 -36.81
CA SER A 305 9.45 1.04 -36.16
C SER A 305 9.15 1.23 -34.67
N HIS A 306 8.19 0.47 -34.12
CA HIS A 306 7.84 0.66 -32.70
C HIS A 306 7.56 -0.56 -31.79
N SER A 307 7.14 -1.67 -32.37
CA SER A 307 6.77 -2.92 -31.65
C SER A 307 7.35 -3.29 -30.25
N SER A 308 7.35 -2.34 -29.32
CA SER A 308 7.85 -2.62 -27.96
C SER A 308 6.89 -3.67 -27.36
N PRO A 309 7.22 -4.22 -26.17
CA PRO A 309 6.27 -5.22 -25.64
C PRO A 309 4.93 -4.57 -25.30
N TYR A 310 4.91 -3.24 -25.25
CA TYR A 310 3.70 -2.47 -24.92
C TYR A 310 2.65 -2.46 -26.03
N LEU A 311 3.10 -2.46 -27.29
CA LEU A 311 2.20 -2.48 -28.43
C LEU A 311 1.71 -3.91 -28.68
N ILE A 312 2.64 -4.87 -28.60
CA ILE A 312 2.31 -6.28 -28.78
C ILE A 312 1.20 -6.64 -27.80
N ALA A 313 1.42 -6.19 -26.57
CA ALA A 313 0.52 -6.41 -25.45
C ALA A 313 -0.86 -5.78 -25.67
N PHE A 314 -0.87 -4.57 -26.23
CA PHE A 314 -2.12 -3.87 -26.48
C PHE A 314 -2.84 -4.67 -27.54
N LEU A 315 -2.08 -5.13 -28.54
CA LEU A 315 -2.66 -5.92 -29.60
C LEU A 315 -3.49 -7.03 -28.98
N VAL A 316 -2.86 -7.91 -28.21
CA VAL A 316 -3.57 -9.02 -27.59
C VAL A 316 -4.82 -8.51 -26.89
N ASP A 317 -4.75 -7.30 -26.32
CA ASP A 317 -5.89 -6.72 -25.63
C ASP A 317 -7.08 -6.57 -26.60
N ILE A 318 -6.79 -6.09 -27.80
CA ILE A 318 -7.78 -5.87 -28.83
C ILE A 318 -8.45 -7.15 -29.35
N TYR A 319 -7.65 -8.16 -29.68
CA TYR A 319 -8.22 -9.43 -30.17
C TYR A 319 -9.21 -10.01 -29.13
N GLU A 320 -8.76 -10.06 -27.87
CA GLU A 320 -9.57 -10.56 -26.78
C GLU A 320 -10.95 -9.92 -26.71
N ASP A 321 -11.06 -8.67 -27.13
CA ASP A 321 -12.36 -8.01 -27.10
C ASP A 321 -13.18 -8.38 -28.34
N MET A 322 -12.47 -8.84 -29.38
CA MET A 322 -13.09 -9.25 -30.62
C MET A 322 -13.67 -10.66 -30.41
N LEU A 323 -12.87 -11.52 -29.78
CA LEU A 323 -13.30 -12.86 -29.49
C LEU A 323 -14.43 -12.82 -28.45
N GLU A 324 -14.84 -11.61 -28.10
CA GLU A 324 -15.90 -11.39 -27.10
C GLU A 324 -17.19 -10.96 -27.81
N ASN A 325 -17.10 -9.88 -28.58
CA ASN A 325 -18.26 -9.40 -29.31
C ASN A 325 -18.47 -10.20 -30.57
N GLN A 326 -17.62 -11.21 -30.77
CA GLN A 326 -17.72 -12.07 -31.94
C GLN A 326 -17.44 -11.28 -33.23
N CYS A 327 -16.29 -11.58 -33.84
CA CYS A 327 -15.83 -10.94 -35.07
C CYS A 327 -15.47 -11.98 -36.11
N ASP A 328 -15.56 -11.60 -37.39
CA ASP A 328 -15.23 -12.51 -38.48
C ASP A 328 -13.81 -13.10 -38.35
N ASN A 329 -13.68 -14.37 -38.72
CA ASN A 329 -12.39 -15.07 -38.69
C ASN A 329 -11.97 -15.33 -37.25
N LYS A 330 -12.96 -15.70 -36.43
CA LYS A 330 -12.71 -15.99 -35.03
C LYS A 330 -11.50 -16.88 -34.78
N GLU A 331 -11.04 -17.60 -35.80
CA GLU A 331 -9.87 -18.47 -35.65
C GLU A 331 -8.60 -17.77 -36.09
N ASP A 332 -8.69 -16.97 -37.14
CA ASP A 332 -7.52 -16.24 -37.61
C ASP A 332 -7.01 -15.38 -36.44
N ILE A 333 -7.95 -14.83 -35.68
CA ILE A 333 -7.63 -13.98 -34.52
C ILE A 333 -6.93 -14.79 -33.45
N LEU A 334 -7.60 -15.83 -32.99
CA LEU A 334 -7.09 -16.72 -31.95
C LEU A 334 -5.60 -16.97 -32.14
N ASN A 335 -5.22 -17.28 -33.37
CA ASN A 335 -3.83 -17.57 -33.69
C ASN A 335 -2.97 -16.33 -33.64
N LYS A 336 -3.57 -15.18 -33.97
CA LYS A 336 -2.85 -13.91 -33.94
C LYS A 336 -2.57 -13.56 -32.46
N ALA A 337 -3.47 -13.97 -31.57
CA ALA A 337 -3.35 -13.73 -30.13
C ALA A 337 -2.40 -14.70 -29.40
N LEU A 338 -2.54 -16.00 -29.66
CA LEU A 338 -1.68 -17.01 -29.04
C LEU A 338 -0.25 -16.79 -29.49
N GLU A 339 -0.08 -16.61 -30.79
CA GLU A 339 1.24 -16.33 -31.35
C GLU A 339 1.87 -15.21 -30.52
N LEU A 340 1.11 -14.14 -30.30
CA LEU A 340 1.57 -12.98 -29.54
C LEU A 340 1.84 -13.31 -28.07
N CYS A 341 0.95 -14.06 -27.43
CA CYS A 341 1.18 -14.42 -26.04
C CYS A 341 2.53 -15.12 -25.89
N GLU A 342 2.91 -15.93 -26.86
CA GLU A 342 4.20 -16.63 -26.74
C GLU A 342 5.42 -15.77 -27.06
N ILE A 343 5.25 -14.76 -27.92
CA ILE A 343 6.35 -13.86 -28.25
C ILE A 343 6.65 -13.07 -26.98
N LEU A 344 5.59 -12.81 -26.22
CA LEU A 344 5.68 -12.08 -24.97
C LEU A 344 6.23 -13.00 -23.89
N ALA A 345 5.54 -14.12 -23.65
CA ALA A 345 5.97 -15.07 -22.64
C ALA A 345 7.30 -15.76 -22.96
N LYS A 346 7.89 -15.47 -24.11
CA LYS A 346 9.17 -16.10 -24.49
C LYS A 346 10.31 -15.17 -24.88
N GLU A 347 10.01 -14.01 -25.44
CA GLU A 347 11.10 -13.11 -25.81
C GLU A 347 11.02 -11.66 -25.36
N LYS A 348 9.83 -11.05 -25.40
CA LYS A 348 9.70 -9.63 -25.04
C LYS A 348 9.07 -9.26 -23.69
N ASP A 349 8.55 -10.26 -22.98
CA ASP A 349 7.92 -10.01 -21.67
C ASP A 349 8.04 -11.26 -20.78
N THR A 350 9.26 -11.80 -20.74
CA THR A 350 9.58 -12.98 -19.93
C THR A 350 9.25 -12.85 -18.45
N ILE A 351 9.24 -11.61 -17.93
CA ILE A 351 8.92 -11.39 -16.52
C ILE A 351 7.43 -11.71 -16.30
N ARG A 352 6.65 -11.58 -17.36
CA ARG A 352 5.22 -11.85 -17.28
C ARG A 352 4.80 -13.18 -17.94
N LYS A 353 5.78 -14.09 -18.11
CA LYS A 353 5.47 -15.38 -18.73
C LYS A 353 4.33 -16.17 -18.07
N GLU A 354 4.28 -16.20 -16.73
CA GLU A 354 3.18 -16.93 -16.09
C GLU A 354 1.83 -16.26 -16.33
N TYR A 355 1.85 -14.98 -16.72
CA TYR A 355 0.61 -14.24 -17.00
C TYR A 355 0.15 -14.57 -18.41
N TRP A 356 1.05 -14.38 -19.36
CA TRP A 356 0.78 -14.65 -20.75
C TRP A 356 0.50 -16.13 -21.02
N ARG A 357 1.12 -17.02 -20.25
CA ARG A 357 0.86 -18.43 -20.46
C ARG A 357 -0.61 -18.70 -20.12
N TYR A 358 -1.08 -18.07 -19.05
CA TYR A 358 -2.47 -18.24 -18.62
C TYR A 358 -3.42 -17.59 -19.64
N ILE A 359 -3.08 -16.38 -20.09
CA ILE A 359 -3.91 -15.67 -21.04
C ILE A 359 -4.15 -16.56 -22.25
N GLY A 360 -3.08 -17.01 -22.88
CA GLY A 360 -3.23 -17.87 -24.04
C GLY A 360 -4.19 -19.01 -23.70
N ARG A 361 -3.84 -19.78 -22.68
CA ARG A 361 -4.65 -20.91 -22.23
C ARG A 361 -6.14 -20.57 -22.04
N SER A 362 -6.41 -19.33 -21.65
CA SER A 362 -7.78 -18.91 -21.41
C SER A 362 -8.46 -18.54 -22.75
N LEU A 363 -7.68 -17.94 -23.64
CA LEU A 363 -8.16 -17.50 -24.95
C LEU A 363 -8.72 -18.68 -25.75
N GLN A 364 -8.17 -19.86 -25.46
CA GLN A 364 -8.62 -21.08 -26.13
C GLN A 364 -9.77 -21.56 -25.28
N SER A 365 -9.39 -22.22 -24.18
CA SER A 365 -10.32 -22.75 -23.22
C SER A 365 -11.71 -22.20 -23.40
N LYS A 366 -11.89 -20.91 -23.12
CA LYS A 366 -13.21 -20.29 -23.22
C LYS A 366 -13.67 -19.93 -24.63
N HIS A 367 -12.76 -19.62 -25.55
CA HIS A 367 -13.23 -19.29 -26.89
C HIS A 367 -13.80 -20.58 -27.45
N SER A 368 -12.92 -21.57 -27.66
CA SER A 368 -13.35 -22.87 -28.19
C SER A 368 -14.16 -23.70 -27.16
N GLU B 21 24.31 -19.62 -16.59
CA GLU B 21 23.71 -18.84 -15.46
C GLU B 21 22.27 -19.26 -15.14
N PRO B 22 22.07 -20.03 -14.04
CA PRO B 22 20.73 -20.49 -13.64
C PRO B 22 19.88 -19.36 -13.01
N LEU B 23 20.45 -18.17 -12.89
CA LEU B 23 19.75 -17.04 -12.33
C LEU B 23 19.19 -16.13 -13.44
N TYR B 24 17.88 -15.89 -13.37
CA TYR B 24 17.15 -15.04 -14.33
C TYR B 24 17.68 -13.60 -14.32
N SER B 25 18.20 -13.20 -13.17
CA SER B 25 18.72 -11.86 -12.94
C SER B 25 20.17 -11.69 -13.42
N LEU B 26 20.93 -12.79 -13.43
CA LEU B 26 22.33 -12.70 -13.81
C LEU B 26 22.82 -13.16 -15.19
N ARG B 27 21.90 -13.57 -16.08
CA ARG B 27 22.30 -13.99 -17.43
C ARG B 27 22.61 -12.77 -18.30
N PRO B 28 23.19 -13.02 -19.50
CA PRO B 28 23.52 -11.92 -20.44
C PRO B 28 22.28 -11.33 -21.14
N GLU B 29 21.33 -12.21 -21.48
CA GLU B 29 20.10 -11.78 -22.16
C GLU B 29 19.28 -10.87 -21.24
N HIS B 30 19.27 -11.21 -19.95
CA HIS B 30 18.55 -10.42 -18.95
C HIS B 30 19.03 -8.96 -18.96
N ALA B 31 20.29 -8.73 -19.36
CA ALA B 31 20.85 -7.38 -19.38
C ALA B 31 20.20 -6.52 -20.44
N ARG B 32 19.18 -7.07 -21.09
CA ARG B 32 18.46 -6.34 -22.13
C ARG B 32 17.23 -5.63 -21.56
N GLU B 33 16.85 -5.99 -20.34
CA GLU B 33 15.68 -5.41 -19.65
C GLU B 33 15.86 -3.98 -19.11
N ARG B 34 17.06 -3.42 -19.27
CA ARG B 34 17.33 -2.06 -18.83
C ARG B 34 16.37 -1.06 -19.51
N LEU B 35 16.01 -0.02 -18.78
CA LEU B 35 15.09 0.99 -19.27
C LEU B 35 15.39 1.63 -20.63
N GLN B 36 14.35 1.77 -21.46
CA GLN B 36 14.44 2.40 -22.78
C GLN B 36 13.74 3.75 -22.71
N ASP B 37 14.50 4.79 -22.40
CA ASP B 37 13.94 6.13 -22.30
C ASP B 37 13.69 6.78 -23.65
N ASP B 38 13.76 5.99 -24.71
CA ASP B 38 13.52 6.51 -26.06
C ASP B 38 14.22 7.87 -26.24
N SER B 39 15.38 8.02 -25.59
CA SER B 39 16.15 9.26 -25.69
C SER B 39 15.45 10.52 -25.19
N VAL B 40 14.42 10.34 -24.37
CA VAL B 40 13.69 11.47 -23.77
C VAL B 40 13.93 11.37 -22.25
N GLU B 41 14.10 12.50 -21.59
CA GLU B 41 14.37 12.46 -20.16
C GLU B 41 13.36 13.19 -19.26
N THR B 42 13.01 12.54 -18.17
CA THR B 42 12.07 13.08 -17.21
C THR B 42 12.57 12.64 -15.86
N VAL B 43 12.11 13.29 -14.80
CA VAL B 43 12.57 12.93 -13.47
C VAL B 43 12.26 11.45 -13.18
N THR B 44 11.33 10.87 -13.94
CA THR B 44 10.97 9.48 -13.77
C THR B 44 12.02 8.53 -14.35
N SER B 45 12.40 8.75 -15.61
CA SER B 45 13.38 7.89 -16.28
C SER B 45 14.72 7.94 -15.57
N ILE B 46 15.10 9.15 -15.16
CA ILE B 46 16.37 9.34 -14.48
C ILE B 46 16.43 8.46 -13.23
N GLU B 47 15.40 8.57 -12.40
CA GLU B 47 15.34 7.78 -11.17
C GLU B 47 15.27 6.29 -11.44
N GLN B 48 14.53 5.92 -12.48
CA GLN B 48 14.39 4.51 -12.83
C GLN B 48 15.76 3.97 -13.22
N ALA B 49 16.51 4.81 -13.93
CA ALA B 49 17.85 4.47 -14.39
C ALA B 49 18.85 4.43 -13.23
N LYS B 50 18.64 5.27 -12.21
CA LYS B 50 19.54 5.28 -11.05
C LYS B 50 19.39 4.03 -10.20
N VAL B 51 18.17 3.49 -10.11
CA VAL B 51 17.97 2.27 -9.33
C VAL B 51 18.53 1.13 -10.15
N GLU B 52 18.23 1.13 -11.43
CA GLU B 52 18.73 0.08 -12.28
C GLU B 52 20.26 0.01 -12.20
N GLU B 53 20.92 1.15 -12.21
CA GLU B 53 22.38 1.13 -12.14
C GLU B 53 22.83 0.45 -10.86
N LYS B 54 22.29 0.89 -9.73
CA LYS B 54 22.68 0.28 -8.45
C LYS B 54 22.31 -1.21 -8.42
N ILE B 55 21.23 -1.59 -9.11
CA ILE B 55 20.83 -2.98 -9.12
C ILE B 55 21.78 -3.80 -9.98
N GLN B 56 22.32 -3.14 -11.00
CA GLN B 56 23.27 -3.78 -11.91
C GLN B 56 24.47 -4.35 -11.14
N GLU B 57 25.18 -3.46 -10.46
CA GLU B 57 26.35 -3.81 -9.65
C GLU B 57 26.01 -4.95 -8.69
N VAL B 58 24.95 -4.80 -7.89
CA VAL B 58 24.56 -5.87 -6.98
C VAL B 58 24.47 -7.18 -7.75
N PHE B 59 23.76 -7.17 -8.87
CA PHE B 59 23.63 -8.38 -9.69
C PHE B 59 25.05 -8.82 -10.07
N SER B 60 25.73 -7.93 -10.81
CA SER B 60 27.11 -8.15 -11.27
C SER B 60 27.91 -8.89 -10.22
N SER B 61 28.25 -8.18 -9.15
CA SER B 61 29.01 -8.74 -8.02
C SER B 61 28.92 -10.27 -7.86
N TYR B 62 27.70 -10.77 -7.64
CA TYR B 62 27.49 -12.20 -7.43
C TYR B 62 28.14 -13.16 -8.45
N LYS B 63 28.03 -12.87 -9.75
CA LYS B 63 28.65 -13.75 -10.74
C LYS B 63 30.17 -13.73 -10.65
N ARG B 70 25.96 -19.90 -3.96
CA ARG B 70 24.50 -19.95 -4.03
C ARG B 70 23.88 -18.93 -3.07
N LEU B 71 22.68 -18.42 -3.41
CA LEU B 71 22.02 -17.42 -2.58
C LEU B 71 21.56 -17.96 -1.22
N VAL B 72 21.85 -17.19 -0.17
CA VAL B 72 21.49 -17.59 1.19
C VAL B 72 20.73 -16.51 1.97
N LEU B 73 19.76 -16.94 2.77
CA LEU B 73 18.95 -16.05 3.58
C LEU B 73 19.57 -15.93 5.00
N GLN B 74 20.33 -14.87 5.20
CA GLN B 74 21.04 -14.58 6.45
C GLN B 74 20.21 -14.68 7.75
N ARG B 75 19.58 -15.83 7.95
CA ARG B 75 18.74 -16.11 9.12
C ARG B 75 19.30 -15.64 10.46
N GLU B 76 20.41 -16.25 10.88
CA GLU B 76 21.05 -15.88 12.13
C GLU B 76 21.12 -14.35 12.21
N LYS B 77 21.84 -13.74 11.27
CA LYS B 77 21.97 -12.30 11.23
C LYS B 77 20.60 -11.61 11.39
N HIS B 78 19.57 -12.14 10.73
CA HIS B 78 18.22 -11.57 10.83
C HIS B 78 17.63 -11.84 12.21
N PHE B 79 17.83 -13.06 12.70
CA PHE B 79 17.32 -13.44 14.01
C PHE B 79 17.75 -12.49 15.10
N HIS B 80 19.05 -12.18 15.16
CA HIS B 80 19.54 -11.25 16.17
C HIS B 80 18.81 -9.91 16.06
N TYR B 81 18.75 -9.39 14.83
CA TYR B 81 18.07 -8.13 14.53
C TYR B 81 16.65 -8.20 15.11
N LEU B 82 15.89 -9.19 14.66
CA LEU B 82 14.54 -9.38 15.14
C LEU B 82 14.48 -9.51 16.66
N LYS B 83 15.26 -10.44 17.19
CA LYS B 83 15.30 -10.72 18.63
C LYS B 83 15.52 -9.47 19.48
N ARG B 84 16.52 -8.69 19.11
CA ARG B 84 16.82 -7.46 19.84
C ARG B 84 15.62 -6.54 19.74
N GLY B 85 15.29 -6.17 18.51
CA GLY B 85 14.16 -5.27 18.28
C GLY B 85 12.95 -5.50 19.16
N LEU B 86 12.48 -6.74 19.16
CA LEU B 86 11.31 -7.12 19.95
C LEU B 86 11.28 -6.56 21.36
N ARG B 87 12.45 -6.34 21.94
CA ARG B 87 12.53 -5.83 23.30
C ARG B 87 12.84 -4.34 23.43
N GLN B 88 13.75 -3.86 22.61
CA GLN B 88 14.16 -2.47 22.68
C GLN B 88 14.49 -1.86 21.33
N LEU B 89 14.23 -0.56 21.20
CA LEU B 89 14.51 0.15 19.98
C LEU B 89 15.22 1.46 20.31
N THR B 90 16.06 1.92 19.39
CA THR B 90 16.78 3.18 19.54
C THR B 90 15.79 4.34 19.45
N ASP B 91 16.23 5.56 19.73
CA ASP B 91 15.31 6.69 19.65
C ASP B 91 14.94 6.97 18.19
N ALA B 92 15.42 6.10 17.31
CA ALA B 92 15.15 6.21 15.90
C ALA B 92 13.69 5.87 15.62
N TYR B 93 13.12 5.05 16.51
CA TYR B 93 11.73 4.65 16.36
C TYR B 93 10.76 5.56 17.08
N GLU B 94 11.14 6.79 17.31
CA GLU B 94 10.26 7.72 17.99
C GLU B 94 9.12 8.13 17.07
N CYS B 95 9.34 7.94 15.77
CA CYS B 95 8.37 8.27 14.74
C CYS B 95 7.25 7.24 14.64
N LEU B 96 7.52 6.04 15.14
CA LEU B 96 6.54 4.95 15.11
C LEU B 96 6.07 4.68 16.52
N ASP B 97 6.10 5.73 17.34
CA ASP B 97 5.67 5.62 18.72
C ASP B 97 4.18 5.33 18.78
N ALA B 98 3.41 5.88 17.85
CA ALA B 98 1.97 5.63 17.85
C ALA B 98 1.59 4.42 16.97
N SER B 99 2.55 3.52 16.75
CA SER B 99 2.36 2.31 15.95
C SER B 99 3.08 1.11 16.58
N ARG B 100 3.12 1.04 17.90
CA ARG B 100 3.84 -0.04 18.56
C ARG B 100 3.25 -1.41 18.33
N PRO B 101 1.91 -1.52 18.26
CA PRO B 101 1.36 -2.87 18.03
C PRO B 101 1.84 -3.33 16.66
N TRP B 102 2.09 -2.38 15.75
CA TRP B 102 2.59 -2.70 14.42
C TRP B 102 3.98 -3.30 14.59
N LEU B 103 4.77 -2.63 15.42
CA LEU B 103 6.13 -3.07 15.71
C LEU B 103 6.15 -4.49 16.24
N CYS B 104 5.13 -4.85 17.00
CA CYS B 104 5.03 -6.21 17.52
C CYS B 104 4.77 -7.16 16.37
N TYR B 105 3.68 -6.92 15.66
CA TYR B 105 3.27 -7.75 14.53
C TYR B 105 4.37 -7.95 13.51
N TRP B 106 4.96 -6.86 13.05
CA TRP B 106 6.02 -6.95 12.06
C TRP B 106 7.12 -7.90 12.52
N ILE B 107 7.55 -7.74 13.76
CA ILE B 107 8.62 -8.57 14.33
C ILE B 107 8.20 -10.01 14.62
N LEU B 108 7.09 -10.18 15.32
CA LEU B 108 6.60 -11.53 15.63
C LEU B 108 6.41 -12.33 14.35
N HIS B 109 5.82 -11.69 13.33
CA HIS B 109 5.58 -12.34 12.05
C HIS B 109 6.87 -12.74 11.34
N SER B 110 7.91 -11.93 11.51
CA SER B 110 9.20 -12.24 10.88
C SER B 110 9.86 -13.37 11.67
N LEU B 111 9.49 -13.49 12.94
CA LEU B 111 10.00 -14.56 13.79
C LEU B 111 9.23 -15.83 13.39
N GLU B 112 7.97 -15.65 13.00
CA GLU B 112 7.12 -16.73 12.57
C GLU B 112 7.67 -17.31 11.27
N LEU B 113 7.75 -16.48 10.23
CA LEU B 113 8.26 -16.90 8.93
C LEU B 113 9.60 -17.62 9.03
N LEU B 114 10.54 -17.01 9.74
CA LEU B 114 11.88 -17.57 9.92
C LEU B 114 11.80 -18.81 10.82
N ASP B 115 10.57 -19.20 11.14
CA ASP B 115 10.29 -20.37 11.98
C ASP B 115 11.12 -20.38 13.27
N GLU B 116 10.92 -19.35 14.09
CA GLU B 116 11.64 -19.21 15.35
C GLU B 116 10.63 -19.13 16.49
N PRO B 117 10.61 -20.16 17.36
CA PRO B 117 9.71 -20.27 18.52
C PRO B 117 9.69 -19.02 19.40
N ILE B 118 8.52 -18.75 19.99
CA ILE B 118 8.34 -17.59 20.87
C ILE B 118 8.21 -18.07 22.33
N PRO B 119 9.12 -17.64 23.21
CA PRO B 119 9.13 -18.01 24.64
C PRO B 119 7.81 -17.64 25.29
N GLN B 120 7.42 -18.34 26.35
CA GLN B 120 6.16 -18.04 27.01
C GLN B 120 6.15 -16.76 27.82
N ILE B 121 7.34 -16.25 28.09
CA ILE B 121 7.47 -14.99 28.83
C ILE B 121 7.44 -13.87 27.80
N VAL B 122 8.11 -14.10 26.68
CA VAL B 122 8.13 -13.13 25.60
C VAL B 122 6.66 -12.96 25.20
N ALA B 123 6.03 -14.09 24.86
CA ALA B 123 4.64 -14.11 24.44
C ALA B 123 3.72 -13.39 25.42
N THR B 124 3.79 -13.77 26.70
CA THR B 124 2.93 -13.15 27.70
C THR B 124 3.17 -11.64 27.82
N ASP B 125 4.43 -11.23 27.89
CA ASP B 125 4.75 -9.82 27.99
C ASP B 125 4.12 -9.09 26.81
N VAL B 126 4.06 -9.76 25.67
CA VAL B 126 3.44 -9.18 24.47
C VAL B 126 1.93 -9.03 24.74
N CYS B 127 1.32 -10.07 25.30
CA CYS B 127 -0.10 -10.02 25.62
C CYS B 127 -0.38 -8.91 26.63
N GLN B 128 0.52 -8.77 27.58
CA GLN B 128 0.40 -7.75 28.61
C GLN B 128 0.51 -6.36 28.01
N PHE B 129 1.41 -6.20 27.06
CA PHE B 129 1.62 -4.92 26.41
C PHE B 129 0.42 -4.51 25.59
N LEU B 130 -0.02 -5.41 24.72
CA LEU B 130 -1.16 -5.17 23.85
C LEU B 130 -2.43 -4.93 24.62
N GLU B 131 -2.41 -5.25 25.90
CA GLU B 131 -3.61 -5.06 26.71
C GLU B 131 -3.67 -3.63 27.21
N LEU B 132 -2.52 -3.01 27.39
CA LEU B 132 -2.48 -1.64 27.86
C LEU B 132 -2.72 -0.69 26.68
N CYS B 133 -2.70 -1.24 25.47
CA CYS B 133 -2.94 -0.45 24.28
C CYS B 133 -4.44 -0.50 23.93
N GLN B 134 -5.09 -1.60 24.32
CA GLN B 134 -6.52 -1.81 24.06
C GLN B 134 -7.36 -0.76 24.77
N SER B 135 -8.23 -0.09 24.02
CA SER B 135 -9.08 0.95 24.59
C SER B 135 -10.27 0.41 25.34
N PRO B 136 -10.80 1.21 26.28
CA PRO B 136 -11.97 0.76 27.04
C PRO B 136 -13.20 0.76 26.13
N GLU B 137 -13.04 1.27 24.93
CA GLU B 137 -14.12 1.38 23.95
C GLU B 137 -14.02 0.32 22.87
N GLY B 138 -12.94 -0.45 22.94
CA GLY B 138 -12.69 -1.47 21.95
C GLY B 138 -11.59 -1.01 21.02
N GLY B 139 -10.95 -1.95 20.34
CA GLY B 139 -9.89 -1.59 19.43
C GLY B 139 -8.62 -1.42 20.21
N PHE B 140 -7.57 -0.92 19.55
CA PHE B 140 -6.30 -0.71 20.22
C PHE B 140 -5.69 0.64 19.86
N GLY B 141 -4.62 1.00 20.55
CA GLY B 141 -3.96 2.27 20.29
C GLY B 141 -2.52 2.02 19.89
N GLY B 142 -1.85 3.08 19.43
CA GLY B 142 -0.46 2.96 19.01
C GLY B 142 0.46 2.47 20.10
N GLY B 143 0.09 2.82 21.33
CA GLY B 143 0.85 2.41 22.49
C GLY B 143 -0.01 2.70 23.68
N PRO B 144 0.41 2.30 24.90
CA PRO B 144 -0.32 2.50 26.17
C PRO B 144 -0.95 3.88 26.33
N GLY B 145 -2.25 3.89 26.61
CA GLY B 145 -2.97 5.14 26.81
C GLY B 145 -3.38 5.93 25.58
N GLN B 146 -3.10 5.41 24.39
CA GLN B 146 -3.46 6.12 23.17
C GLN B 146 -4.87 5.77 22.70
N TYR B 147 -5.47 6.65 21.93
CA TYR B 147 -6.81 6.40 21.42
C TYR B 147 -6.81 5.19 20.48
N PRO B 148 -7.94 4.49 20.40
CA PRO B 148 -8.05 3.33 19.52
C PRO B 148 -8.02 3.75 18.04
N HIS B 149 -7.35 2.95 17.21
CA HIS B 149 -7.20 3.24 15.79
C HIS B 149 -7.24 1.90 15.09
N LEU B 150 -7.91 1.85 13.94
CA LEU B 150 -8.03 0.60 13.19
C LEU B 150 -6.72 -0.05 12.75
N ALA B 151 -5.73 0.75 12.39
CA ALA B 151 -4.45 0.21 11.95
C ALA B 151 -3.76 -0.55 13.07
N PRO B 152 -3.54 0.10 14.22
CA PRO B 152 -2.88 -0.65 15.29
C PRO B 152 -3.74 -1.80 15.84
N THR B 153 -5.07 -1.66 15.79
CA THR B 153 -6.01 -2.70 16.24
C THR B 153 -5.81 -3.97 15.41
N TYR B 154 -5.59 -3.78 14.12
CA TYR B 154 -5.35 -4.87 13.19
C TYR B 154 -4.06 -5.54 13.59
N ALA B 155 -3.05 -4.72 13.89
CA ALA B 155 -1.74 -5.19 14.27
C ALA B 155 -1.78 -6.09 15.50
N ALA B 156 -2.49 -5.64 16.53
CA ALA B 156 -2.63 -6.39 17.78
C ALA B 156 -3.38 -7.72 17.60
N VAL B 157 -4.58 -7.65 17.03
CA VAL B 157 -5.37 -8.84 16.81
C VAL B 157 -4.55 -9.82 15.97
N ASN B 158 -3.62 -9.28 15.20
CA ASN B 158 -2.78 -10.11 14.35
C ASN B 158 -1.57 -10.61 15.13
N ALA B 159 -1.07 -9.77 16.03
CA ALA B 159 0.06 -10.16 16.85
C ALA B 159 -0.42 -11.16 17.89
N LEU B 160 -1.63 -10.97 18.40
CA LEU B 160 -2.19 -11.87 19.40
C LEU B 160 -2.36 -13.30 18.85
N CYS B 161 -2.80 -13.40 17.61
CA CYS B 161 -3.01 -14.70 16.98
C CYS B 161 -1.71 -15.39 16.61
N ILE B 162 -0.66 -14.60 16.36
CA ILE B 162 0.64 -15.19 16.00
C ILE B 162 1.15 -15.88 17.24
N ILE B 163 0.91 -15.26 18.40
CA ILE B 163 1.32 -15.85 19.68
C ILE B 163 0.61 -17.21 19.68
N GLY B 164 -0.71 -17.19 19.55
CA GLY B 164 -1.49 -18.41 19.47
C GLY B 164 -2.09 -19.01 20.73
N THR B 165 -1.74 -18.50 21.90
CA THR B 165 -2.27 -19.08 23.13
C THR B 165 -3.67 -18.59 23.45
N GLU B 166 -4.24 -19.16 24.52
CA GLU B 166 -5.56 -18.80 24.99
C GLU B 166 -5.45 -17.40 25.63
N GLU B 167 -4.36 -17.21 26.39
CA GLU B 167 -4.06 -15.96 27.06
C GLU B 167 -4.12 -14.84 26.00
N ALA B 168 -3.48 -15.09 24.84
CA ALA B 168 -3.47 -14.11 23.76
C ALA B 168 -4.91 -13.76 23.43
N TYR B 169 -5.58 -14.69 22.73
CA TYR B 169 -6.98 -14.53 22.30
C TYR B 169 -7.88 -13.78 23.28
N ASP B 170 -7.90 -14.25 24.52
CA ASP B 170 -8.76 -13.68 25.55
C ASP B 170 -8.59 -12.20 25.87
N ILE B 171 -7.60 -11.57 25.25
CA ILE B 171 -7.38 -10.16 25.50
C ILE B 171 -8.37 -9.32 24.70
N ILE B 172 -8.75 -9.83 23.53
CA ILE B 172 -9.66 -9.09 22.69
C ILE B 172 -11.04 -9.02 23.32
N ASN B 173 -11.49 -7.81 23.63
CA ASN B 173 -12.80 -7.57 24.20
C ASN B 173 -13.74 -7.64 22.99
N ARG B 174 -13.96 -8.87 22.53
CA ARG B 174 -14.80 -9.14 21.37
C ARG B 174 -16.06 -8.31 21.27
N GLU B 175 -16.61 -7.89 22.40
CA GLU B 175 -17.80 -7.05 22.37
C GLU B 175 -17.36 -5.69 21.89
N LYS B 176 -16.49 -5.08 22.70
CA LYS B 176 -15.96 -3.76 22.43
C LYS B 176 -15.46 -3.53 21.02
N LEU B 177 -14.82 -4.56 20.45
CA LEU B 177 -14.30 -4.45 19.09
C LEU B 177 -15.46 -4.11 18.15
N LEU B 178 -16.40 -5.04 18.06
CA LEU B 178 -17.57 -4.90 17.22
C LEU B 178 -18.27 -3.56 17.48
N GLN B 179 -18.29 -3.13 18.74
CA GLN B 179 -18.93 -1.87 19.07
C GLN B 179 -18.13 -0.75 18.48
N TYR B 180 -16.80 -0.93 18.42
CA TYR B 180 -15.91 0.10 17.89
C TYR B 180 -16.00 0.17 16.36
N LEU B 181 -16.00 -0.98 15.70
CA LEU B 181 -16.12 -1.01 14.26
C LEU B 181 -17.40 -0.25 13.86
N TYR B 182 -18.49 -0.49 14.60
CA TYR B 182 -19.78 0.16 14.35
C TYR B 182 -19.77 1.69 14.49
N SER B 183 -18.84 2.22 15.29
CA SER B 183 -18.74 3.64 15.50
C SER B 183 -17.97 4.32 14.38
N LEU B 184 -17.29 3.51 13.58
CA LEU B 184 -16.49 4.03 12.47
C LEU B 184 -17.19 3.89 11.13
N LYS B 185 -18.06 2.89 11.04
CA LYS B 185 -18.82 2.64 9.84
C LYS B 185 -19.56 3.92 9.36
N GLN B 186 -19.50 4.19 8.06
CA GLN B 186 -20.16 5.34 7.48
C GLN B 186 -21.35 4.87 6.63
N PRO B 187 -22.25 5.80 6.28
CA PRO B 187 -23.44 5.51 5.48
C PRO B 187 -23.16 4.91 4.10
N ASP B 188 -21.95 5.12 3.57
CA ASP B 188 -21.60 4.60 2.26
C ASP B 188 -20.90 3.24 2.25
N GLY B 189 -20.81 2.60 3.41
CA GLY B 189 -20.19 1.29 3.51
C GLY B 189 -18.72 1.37 3.90
N SER B 190 -18.19 2.59 3.89
CA SER B 190 -16.80 2.86 4.24
C SER B 190 -16.65 3.08 5.73
N PHE B 191 -15.45 2.87 6.25
CA PHE B 191 -15.17 3.09 7.67
C PHE B 191 -14.16 4.20 7.84
N LEU B 192 -13.99 4.63 9.07
CA LEU B 192 -13.01 5.65 9.41
C LEU B 192 -11.83 4.86 9.97
N MET B 193 -10.65 5.48 9.99
CA MET B 193 -9.47 4.81 10.52
C MET B 193 -9.55 4.81 12.05
N HIS B 194 -10.08 5.91 12.57
CA HIS B 194 -10.26 6.11 13.99
C HIS B 194 -11.31 7.20 14.09
N VAL B 195 -11.80 7.46 15.29
CA VAL B 195 -12.82 8.49 15.48
C VAL B 195 -12.32 9.88 15.11
N GLY B 196 -12.99 10.52 14.15
CA GLY B 196 -12.59 11.84 13.71
C GLY B 196 -11.50 11.76 12.66
N GLY B 197 -11.27 10.54 12.17
CA GLY B 197 -10.24 10.33 11.16
C GLY B 197 -10.72 10.24 9.72
N GLU B 198 -9.77 10.06 8.81
CA GLU B 198 -10.03 9.96 7.37
C GLU B 198 -10.56 8.59 6.90
N VAL B 199 -10.93 8.52 5.62
CA VAL B 199 -11.47 7.28 5.04
C VAL B 199 -10.65 6.79 3.85
N ASP B 200 -10.42 5.49 3.80
CA ASP B 200 -9.71 4.85 2.70
C ASP B 200 -9.76 3.34 2.86
N VAL B 201 -9.72 2.63 1.74
CA VAL B 201 -9.78 1.19 1.68
C VAL B 201 -9.00 0.44 2.77
N ARG B 202 -7.98 1.06 3.34
CA ARG B 202 -7.19 0.40 4.39
C ARG B 202 -8.07 0.04 5.58
N SER B 203 -8.96 0.96 5.98
CA SER B 203 -9.83 0.72 7.11
C SER B 203 -10.75 -0.49 6.94
N ALA B 204 -11.44 -0.56 5.81
CA ALA B 204 -12.33 -1.69 5.56
C ALA B 204 -11.56 -2.99 5.70
N TYR B 205 -10.29 -3.00 5.31
CA TYR B 205 -9.48 -4.21 5.42
C TYR B 205 -9.19 -4.51 6.88
N CYS B 206 -8.87 -3.48 7.64
CA CYS B 206 -8.54 -3.64 9.05
C CYS B 206 -9.77 -4.18 9.78
N ALA B 207 -10.91 -3.56 9.53
CA ALA B 207 -12.16 -3.95 10.15
C ALA B 207 -12.57 -5.36 9.74
N ALA B 208 -12.37 -5.68 8.46
CA ALA B 208 -12.71 -6.99 7.96
C ALA B 208 -11.83 -8.09 8.56
N SER B 209 -10.53 -7.83 8.61
CA SER B 209 -9.57 -8.80 9.16
C SER B 209 -9.80 -9.10 10.63
N VAL B 210 -10.15 -8.08 11.41
CA VAL B 210 -10.39 -8.29 12.83
C VAL B 210 -11.79 -8.83 13.08
N ALA B 211 -12.75 -8.44 12.25
CA ALA B 211 -14.13 -8.91 12.39
C ALA B 211 -14.23 -10.40 12.06
N SER B 212 -13.40 -10.85 11.13
CA SER B 212 -13.42 -12.25 10.72
C SER B 212 -12.68 -13.21 11.67
N LEU B 213 -11.46 -12.85 12.05
CA LEU B 213 -10.67 -13.68 12.94
C LEU B 213 -11.38 -13.88 14.28
N THR B 214 -11.88 -12.79 14.86
CA THR B 214 -12.54 -12.87 16.15
C THR B 214 -13.99 -13.30 16.11
N ASN B 215 -14.47 -13.71 14.93
CA ASN B 215 -15.85 -14.19 14.77
C ASN B 215 -16.85 -13.19 15.35
N ILE B 216 -16.95 -12.00 14.76
CA ILE B 216 -17.86 -10.99 15.28
C ILE B 216 -18.61 -10.22 14.19
N ILE B 217 -18.77 -10.82 13.02
CA ILE B 217 -19.47 -10.15 11.91
C ILE B 217 -21.00 -10.26 11.98
N THR B 218 -21.66 -9.15 12.28
CA THR B 218 -23.11 -9.11 12.37
C THR B 218 -23.68 -8.82 10.99
N PRO B 219 -24.80 -9.46 10.63
CA PRO B 219 -25.51 -9.34 9.34
C PRO B 219 -25.42 -8.04 8.54
N ASP B 220 -25.36 -6.90 9.23
CA ASP B 220 -25.31 -5.60 8.54
C ASP B 220 -23.99 -4.83 8.77
N LEU B 221 -22.97 -5.54 9.24
CA LEU B 221 -21.68 -4.90 9.52
C LEU B 221 -20.99 -4.30 8.29
N PHE B 222 -20.87 -5.09 7.24
CA PHE B 222 -20.22 -4.58 6.04
C PHE B 222 -21.20 -4.21 4.92
N GLU B 223 -22.28 -3.55 5.36
CA GLU B 223 -23.34 -3.08 4.50
C GLU B 223 -22.88 -2.05 3.48
N GLY B 224 -22.79 -2.46 2.22
CA GLY B 224 -22.39 -1.56 1.17
C GLY B 224 -20.89 -1.33 1.17
N THR B 225 -20.16 -2.21 1.84
CA THR B 225 -18.72 -2.10 1.90
C THR B 225 -18.16 -2.64 0.59
N ALA B 226 -18.42 -3.90 0.31
CA ALA B 226 -17.94 -4.49 -0.92
C ALA B 226 -18.12 -3.52 -2.09
N GLU B 227 -19.24 -2.82 -2.11
CA GLU B 227 -19.54 -1.88 -3.19
C GLU B 227 -18.72 -0.61 -3.13
N TRP B 228 -18.25 -0.25 -1.95
CA TRP B 228 -17.44 0.95 -1.81
C TRP B 228 -16.01 0.61 -2.29
N ILE B 229 -15.45 -0.47 -1.75
CA ILE B 229 -14.13 -0.93 -2.12
C ILE B 229 -14.06 -0.98 -3.64
N ALA B 230 -15.19 -1.32 -4.25
CA ALA B 230 -15.32 -1.45 -5.69
C ALA B 230 -15.17 -0.13 -6.45
N ARG B 231 -15.68 0.95 -5.87
CA ARG B 231 -15.58 2.26 -6.52
C ARG B 231 -14.14 2.74 -6.52
N CYS B 232 -13.30 2.04 -5.75
CA CYS B 232 -11.91 2.39 -5.60
C CYS B 232 -11.04 1.85 -6.73
N GLN B 233 -11.55 0.87 -7.48
CA GLN B 233 -10.81 0.35 -8.62
C GLN B 233 -11.00 1.39 -9.71
N ASN B 234 -9.95 1.66 -10.49
CA ASN B 234 -10.03 2.70 -11.52
C ASN B 234 -9.56 2.25 -12.90
N TRP B 235 -9.53 3.20 -13.84
CA TRP B 235 -9.10 2.95 -15.21
C TRP B 235 -7.84 2.10 -15.30
N GLU B 236 -7.02 2.16 -14.26
CA GLU B 236 -5.77 1.40 -14.22
C GLU B 236 -5.98 -0.10 -14.02
N GLY B 237 -7.04 -0.47 -13.32
CA GLY B 237 -7.29 -1.87 -13.08
C GLY B 237 -7.05 -2.22 -11.63
N GLY B 238 -6.29 -1.37 -10.95
CA GLY B 238 -5.98 -1.57 -9.55
C GLY B 238 -6.91 -0.75 -8.68
N ILE B 239 -6.50 -0.52 -7.43
CA ILE B 239 -7.33 0.22 -6.49
C ILE B 239 -6.57 1.36 -5.80
N GLY B 240 -7.24 2.49 -5.67
CA GLY B 240 -6.64 3.63 -5.01
C GLY B 240 -7.10 3.72 -3.57
N GLY B 241 -6.65 4.73 -2.85
CA GLY B 241 -7.07 4.87 -1.46
C GLY B 241 -8.55 5.13 -1.38
N VAL B 242 -9.00 6.13 -2.14
CA VAL B 242 -10.40 6.51 -2.20
C VAL B 242 -10.80 6.59 -3.67
N PRO B 243 -12.10 6.52 -3.97
CA PRO B 243 -12.58 6.59 -5.35
C PRO B 243 -11.96 7.78 -6.08
N GLY B 244 -11.34 7.51 -7.22
CA GLY B 244 -10.70 8.57 -8.00
C GLY B 244 -9.19 8.57 -7.99
N MET B 245 -8.61 8.15 -6.87
CA MET B 245 -7.17 8.13 -6.70
C MET B 245 -6.45 7.09 -7.54
N GLU B 246 -5.17 7.32 -7.76
CA GLU B 246 -4.32 6.45 -8.55
C GLU B 246 -4.21 5.05 -7.98
N ALA B 247 -4.10 4.07 -8.84
CA ALA B 247 -4.00 2.69 -8.40
C ALA B 247 -2.67 2.46 -7.73
N HIS B 248 -2.73 2.09 -6.45
CA HIS B 248 -1.53 1.80 -5.67
C HIS B 248 -1.56 0.34 -5.21
N GLY B 249 -0.38 -0.26 -5.09
CA GLY B 249 -0.29 -1.65 -4.69
C GLY B 249 -0.60 -1.98 -3.24
N GLY B 250 -0.49 -1.00 -2.35
CA GLY B 250 -0.78 -1.25 -0.96
C GLY B 250 -2.26 -1.21 -0.69
N TYR B 251 -2.95 -0.29 -1.37
CA TYR B 251 -4.39 -0.13 -1.25
C TYR B 251 -5.13 -1.26 -1.96
N THR B 252 -4.58 -1.69 -3.09
CA THR B 252 -5.16 -2.76 -3.87
C THR B 252 -5.22 -4.06 -3.07
N PHE B 253 -4.15 -4.36 -2.34
CA PHE B 253 -4.12 -5.55 -1.52
C PHE B 253 -5.20 -5.38 -0.46
N CYS B 254 -5.23 -4.20 0.13
CA CYS B 254 -6.21 -3.88 1.16
C CYS B 254 -7.64 -4.16 0.74
N GLY B 255 -7.98 -3.77 -0.48
CA GLY B 255 -9.33 -3.98 -0.99
C GLY B 255 -9.67 -5.40 -1.47
N LEU B 256 -8.79 -6.01 -2.26
CA LEU B 256 -9.06 -7.35 -2.75
C LEU B 256 -9.14 -8.35 -1.62
N ALA B 257 -8.28 -8.20 -0.62
CA ALA B 257 -8.25 -9.09 0.53
C ALA B 257 -9.49 -8.88 1.38
N ALA B 258 -9.93 -7.64 1.47
CA ALA B 258 -11.13 -7.35 2.23
C ALA B 258 -12.28 -8.02 1.52
N LEU B 259 -12.28 -7.94 0.19
CA LEU B 259 -13.34 -8.57 -0.60
C LEU B 259 -13.32 -10.10 -0.47
N VAL B 260 -12.12 -10.68 -0.34
CA VAL B 260 -11.99 -12.12 -0.18
C VAL B 260 -12.66 -12.54 1.13
N ILE B 261 -12.52 -11.71 2.15
CA ILE B 261 -13.12 -11.97 3.46
C ILE B 261 -14.65 -11.88 3.33
N LEU B 262 -15.12 -10.78 2.75
CA LEU B 262 -16.55 -10.58 2.56
C LEU B 262 -17.10 -11.44 1.42
N LYS B 263 -16.19 -12.12 0.72
CA LYS B 263 -16.56 -12.99 -0.41
C LYS B 263 -17.18 -12.25 -1.60
N ARG B 264 -16.75 -11.01 -1.83
CA ARG B 264 -17.28 -10.19 -2.92
C ARG B 264 -16.23 -9.91 -3.97
N GLU B 265 -15.21 -10.77 -4.03
CA GLU B 265 -14.14 -10.61 -5.01
C GLU B 265 -14.74 -10.34 -6.37
N ARG B 266 -15.89 -10.95 -6.62
CA ARG B 266 -16.57 -10.80 -7.89
C ARG B 266 -16.98 -9.38 -8.21
N SER B 267 -17.13 -8.53 -7.18
CA SER B 267 -17.52 -7.14 -7.39
C SER B 267 -16.50 -6.27 -8.13
N LEU B 268 -15.34 -6.85 -8.43
CA LEU B 268 -14.29 -6.11 -9.13
C LEU B 268 -13.97 -6.77 -10.44
N ASN B 269 -13.50 -5.96 -11.38
CA ASN B 269 -13.08 -6.47 -12.66
C ASN B 269 -11.75 -7.12 -12.29
N LEU B 270 -11.76 -8.42 -12.04
CA LEU B 270 -10.55 -9.13 -11.65
C LEU B 270 -9.53 -9.26 -12.77
N LYS B 271 -10.00 -9.28 -14.02
CA LYS B 271 -9.10 -9.40 -15.14
C LYS B 271 -8.24 -8.14 -15.27
N SER B 272 -8.84 -6.97 -15.10
CA SER B 272 -8.07 -5.74 -15.19
C SER B 272 -7.18 -5.63 -13.96
N LEU B 273 -7.66 -6.11 -12.81
CA LEU B 273 -6.87 -6.10 -11.59
C LEU B 273 -5.65 -6.98 -11.83
N LEU B 274 -5.87 -8.14 -12.43
CA LEU B 274 -4.78 -9.06 -12.72
C LEU B 274 -3.76 -8.54 -13.75
N GLN B 275 -4.24 -7.88 -14.80
CA GLN B 275 -3.34 -7.36 -15.82
C GLN B 275 -2.48 -6.28 -15.21
N TRP B 276 -3.08 -5.54 -14.28
CA TRP B 276 -2.42 -4.45 -13.59
C TRP B 276 -1.36 -4.92 -12.61
N VAL B 277 -1.77 -5.73 -11.64
CA VAL B 277 -0.83 -6.19 -10.63
C VAL B 277 0.34 -6.88 -11.28
N THR B 278 0.06 -7.70 -12.29
CA THR B 278 1.14 -8.40 -12.95
C THR B 278 2.09 -7.43 -13.65
N SER B 279 1.57 -6.29 -14.11
CA SER B 279 2.37 -5.27 -14.79
C SER B 279 3.33 -4.58 -13.85
N ARG B 280 2.96 -4.59 -12.57
CA ARG B 280 3.72 -3.93 -11.53
C ARG B 280 5.09 -4.53 -11.22
N GLN B 281 5.32 -5.78 -11.62
CA GLN B 281 6.61 -6.40 -11.40
C GLN B 281 7.59 -5.83 -12.41
N MET B 282 8.78 -5.46 -11.96
CA MET B 282 9.79 -4.87 -12.84
C MET B 282 10.53 -5.92 -13.63
N ARG B 283 10.65 -5.70 -14.94
CA ARG B 283 11.33 -6.63 -15.82
C ARG B 283 12.82 -6.76 -15.50
N PHE B 284 13.47 -5.66 -15.12
CA PHE B 284 14.88 -5.70 -14.80
C PHE B 284 15.14 -6.04 -13.33
N GLU B 285 14.81 -5.13 -12.43
CA GLU B 285 15.01 -5.33 -11.00
C GLU B 285 14.51 -6.69 -10.49
N GLY B 286 13.32 -7.10 -10.94
CA GLY B 286 12.77 -8.36 -10.48
C GLY B 286 11.65 -8.15 -9.48
N GLY B 287 11.76 -7.07 -8.70
CA GLY B 287 10.77 -6.73 -7.69
C GLY B 287 9.57 -5.92 -8.18
N PHE B 288 8.70 -5.55 -7.25
CA PHE B 288 7.52 -4.79 -7.60
C PHE B 288 7.57 -3.33 -7.23
N GLN B 289 6.84 -2.51 -7.97
CA GLN B 289 6.75 -1.10 -7.68
C GLN B 289 5.38 -0.96 -7.04
N GLY B 290 5.10 0.17 -6.41
CA GLY B 290 3.81 0.35 -5.76
C GLY B 290 2.73 0.87 -6.68
N ARG B 291 3.14 1.60 -7.71
CA ARG B 291 2.27 2.18 -8.71
C ARG B 291 3.03 2.36 -10.01
N CYS B 292 2.35 2.25 -11.15
CA CYS B 292 2.98 2.39 -12.44
C CYS B 292 3.93 3.57 -12.53
N ASN B 293 5.09 3.31 -13.11
CA ASN B 293 6.13 4.32 -13.30
C ASN B 293 6.73 4.92 -12.05
N LYS B 294 7.03 4.07 -11.07
CA LYS B 294 7.66 4.51 -9.85
C LYS B 294 8.76 3.53 -9.49
N LEU B 295 9.28 3.60 -8.28
CA LEU B 295 10.39 2.73 -7.95
C LEU B 295 10.10 1.41 -7.26
N VAL B 296 10.95 0.44 -7.55
CA VAL B 296 10.86 -0.88 -6.97
C VAL B 296 11.13 -0.79 -5.46
N ASP B 297 10.42 -1.61 -4.71
CA ASP B 297 10.52 -1.66 -3.25
C ASP B 297 10.33 -3.10 -2.76
N GLY B 298 11.12 -3.47 -1.77
CA GLY B 298 11.04 -4.81 -1.22
C GLY B 298 9.76 -5.11 -0.50
N CYS B 299 9.13 -4.10 0.08
CA CYS B 299 7.91 -4.38 0.81
C CYS B 299 6.77 -4.75 -0.13
N TYR B 300 6.85 -4.29 -1.38
CA TYR B 300 5.80 -4.60 -2.32
C TYR B 300 5.86 -6.07 -2.70
N SER B 301 6.88 -6.75 -2.22
CA SER B 301 7.02 -8.16 -2.50
C SER B 301 5.83 -8.88 -1.91
N PHE B 302 5.15 -8.25 -0.96
CA PHE B 302 3.97 -8.85 -0.37
C PHE B 302 2.71 -8.16 -0.88
N TRP B 303 2.56 -6.89 -0.53
CA TRP B 303 1.42 -6.07 -0.94
C TRP B 303 0.96 -6.29 -2.38
N GLN B 304 1.90 -6.50 -3.30
CA GLN B 304 1.56 -6.72 -4.70
C GLN B 304 1.52 -8.20 -5.09
N ALA B 305 2.61 -8.89 -4.86
CA ALA B 305 2.70 -10.31 -5.20
C ALA B 305 1.68 -11.14 -4.42
N GLY B 306 1.31 -10.65 -3.25
CA GLY B 306 0.36 -11.36 -2.42
C GLY B 306 -1.02 -11.32 -3.03
N LEU B 307 -1.22 -10.38 -3.95
CA LEU B 307 -2.49 -10.23 -4.64
C LEU B 307 -2.77 -11.42 -5.56
N LEU B 308 -1.71 -11.97 -6.14
CA LEU B 308 -1.87 -13.09 -7.07
C LEU B 308 -2.53 -14.28 -6.41
N PRO B 309 -2.02 -14.74 -5.25
CA PRO B 309 -2.67 -15.88 -4.61
C PRO B 309 -4.14 -15.60 -4.41
N LEU B 310 -4.46 -14.34 -4.11
CA LEU B 310 -5.85 -13.97 -3.88
C LEU B 310 -6.69 -14.11 -5.14
N LEU B 311 -6.24 -13.52 -6.24
CA LEU B 311 -6.99 -13.64 -7.48
C LEU B 311 -7.11 -15.12 -7.81
N HIS B 312 -5.96 -15.80 -7.90
CA HIS B 312 -5.91 -17.21 -8.21
C HIS B 312 -7.06 -17.94 -7.50
N ARG B 313 -7.31 -17.56 -6.25
CA ARG B 313 -8.37 -18.19 -5.47
C ARG B 313 -9.74 -17.89 -6.04
N ALA B 314 -10.06 -16.61 -6.21
CA ALA B 314 -11.34 -16.16 -6.75
C ALA B 314 -11.63 -16.71 -8.15
N LEU B 315 -10.59 -16.75 -8.96
CA LEU B 315 -10.69 -17.26 -10.32
C LEU B 315 -10.86 -18.75 -10.30
N HIS B 316 -10.48 -19.37 -9.20
CA HIS B 316 -10.64 -20.80 -9.07
C HIS B 316 -12.07 -21.05 -8.60
N ALA B 317 -12.56 -20.17 -7.74
CA ALA B 317 -13.92 -20.27 -7.20
C ALA B 317 -14.93 -20.00 -8.31
N GLN B 318 -14.43 -19.53 -9.45
CA GLN B 318 -15.27 -19.26 -10.62
C GLN B 318 -15.15 -20.43 -11.60
N GLY B 319 -14.18 -21.31 -11.36
CA GLY B 319 -13.97 -22.48 -12.20
C GLY B 319 -12.95 -22.33 -13.31
N ASP B 320 -12.19 -21.25 -13.30
CA ASP B 320 -11.19 -21.01 -14.33
C ASP B 320 -10.31 -22.23 -14.55
N PRO B 321 -10.39 -22.83 -15.75
CA PRO B 321 -9.63 -24.03 -16.14
C PRO B 321 -8.22 -23.76 -16.63
N ALA B 322 -7.88 -22.50 -16.89
CA ALA B 322 -6.56 -22.17 -17.40
C ALA B 322 -5.52 -21.81 -16.34
N LEU B 323 -5.91 -21.88 -15.07
CA LEU B 323 -4.97 -21.56 -14.00
C LEU B 323 -3.81 -22.56 -13.92
N SER B 324 -2.57 -22.06 -13.77
CA SER B 324 -1.39 -22.92 -13.64
C SER B 324 -1.59 -23.76 -12.39
N MET B 325 -1.00 -24.94 -12.34
CA MET B 325 -1.19 -25.78 -11.18
C MET B 325 -0.04 -25.88 -10.23
N SER B 326 1.09 -25.28 -10.60
CA SER B 326 2.28 -25.31 -9.78
C SER B 326 2.85 -23.91 -9.45
N HIS B 327 2.45 -22.90 -10.22
CA HIS B 327 2.97 -21.56 -10.03
C HIS B 327 1.97 -20.41 -9.83
N TRP B 328 2.47 -19.30 -9.28
CA TRP B 328 1.68 -18.08 -9.07
C TRP B 328 1.82 -17.27 -10.36
N MET B 329 0.77 -16.56 -10.78
CA MET B 329 0.87 -15.81 -12.04
C MET B 329 1.88 -14.67 -12.11
N PHE B 330 3.05 -14.88 -11.50
CA PHE B 330 4.13 -13.89 -11.52
C PHE B 330 5.44 -14.63 -11.41
N HIS B 331 6.52 -13.99 -11.83
CA HIS B 331 7.84 -14.59 -11.77
C HIS B 331 8.29 -14.76 -10.31
N GLN B 332 8.09 -15.96 -9.78
CA GLN B 332 8.45 -16.29 -8.40
C GLN B 332 9.98 -16.32 -8.18
N GLN B 333 10.71 -16.77 -9.20
CA GLN B 333 12.17 -16.84 -9.11
C GLN B 333 12.78 -15.44 -9.09
N ALA B 334 12.25 -14.54 -9.92
CA ALA B 334 12.76 -13.18 -10.02
C ALA B 334 12.56 -12.36 -8.74
N LEU B 335 11.40 -12.54 -8.10
CA LEU B 335 11.14 -11.81 -6.87
C LEU B 335 12.18 -12.30 -5.89
N GLN B 336 12.23 -13.61 -5.69
CA GLN B 336 13.18 -14.23 -4.76
C GLN B 336 14.60 -13.72 -5.02
N GLU B 337 14.99 -13.70 -6.28
CA GLU B 337 16.32 -13.23 -6.64
C GLU B 337 16.50 -11.76 -6.26
N TYR B 338 15.43 -10.98 -6.30
CA TYR B 338 15.52 -9.56 -5.93
C TYR B 338 15.66 -9.43 -4.41
N ILE B 339 14.92 -10.24 -3.66
CA ILE B 339 14.97 -10.19 -2.21
C ILE B 339 16.28 -10.75 -1.66
N LEU B 340 16.74 -11.85 -2.26
CA LEU B 340 17.97 -12.51 -1.82
C LEU B 340 19.25 -11.77 -2.19
N MET B 341 19.31 -11.17 -3.37
CA MET B 341 20.51 -10.44 -3.77
C MET B 341 20.49 -8.96 -3.41
N CYS B 342 19.33 -8.32 -3.50
CA CYS B 342 19.25 -6.88 -3.24
C CYS B 342 18.60 -6.34 -1.96
N CYS B 343 17.92 -7.20 -1.20
CA CYS B 343 17.22 -6.70 -0.03
C CYS B 343 17.75 -7.06 1.35
N GLN B 344 18.78 -7.87 1.43
CA GLN B 344 19.28 -8.22 2.75
C GLN B 344 20.35 -7.25 3.27
N CYS B 345 20.30 -7.01 4.56
CA CYS B 345 21.26 -6.13 5.20
C CYS B 345 22.28 -7.03 5.88
N PRO B 346 23.56 -6.64 5.79
CA PRO B 346 24.65 -7.41 6.40
C PRO B 346 24.41 -7.56 7.91
N ALA B 347 24.10 -6.45 8.56
CA ALA B 347 23.84 -6.42 10.00
C ALA B 347 22.55 -7.18 10.33
N GLY B 348 21.81 -7.52 9.28
CA GLY B 348 20.55 -8.23 9.47
C GLY B 348 19.38 -7.35 9.06
N GLY B 349 18.25 -8.00 8.83
CA GLY B 349 17.07 -7.26 8.42
C GLY B 349 17.09 -7.12 6.91
N LEU B 350 15.90 -6.88 6.34
CA LEU B 350 15.78 -6.72 4.91
C LEU B 350 15.30 -5.32 4.64
N LEU B 351 15.49 -4.85 3.42
CA LEU B 351 15.12 -3.49 3.12
C LEU B 351 14.36 -3.21 1.82
N ASP B 352 14.06 -1.94 1.63
CA ASP B 352 13.37 -1.39 0.47
C ASP B 352 14.18 -1.74 -0.78
N LYS B 353 15.31 -1.07 -0.93
CA LYS B 353 16.20 -1.27 -2.06
C LYS B 353 17.59 -0.95 -1.56
N PRO B 354 18.63 -1.31 -2.33
CA PRO B 354 20.00 -1.02 -1.93
C PRO B 354 20.20 0.45 -1.64
N GLY B 355 20.85 0.75 -0.51
CA GLY B 355 21.11 2.12 -0.12
C GLY B 355 20.11 2.66 0.90
N LYS B 356 19.15 1.83 1.26
CA LYS B 356 18.14 2.23 2.22
C LYS B 356 18.48 1.55 3.53
N SER B 357 18.16 2.18 4.64
CA SER B 357 18.47 1.60 5.92
C SER B 357 17.41 0.60 6.36
N ARG B 358 17.88 -0.53 6.88
CA ARG B 358 17.01 -1.60 7.36
C ARG B 358 15.94 -1.13 8.35
N ASP B 359 14.78 -1.78 8.33
CA ASP B 359 13.70 -1.48 9.25
C ASP B 359 12.79 -2.70 9.35
N PHE B 360 12.12 -2.87 10.48
CA PHE B 360 11.27 -4.03 10.72
C PHE B 360 10.08 -4.27 9.79
N TYR B 361 9.52 -3.20 9.21
CA TYR B 361 8.39 -3.31 8.30
C TYR B 361 8.85 -3.93 6.98
N HIS B 362 9.97 -3.46 6.44
CA HIS B 362 10.48 -4.02 5.20
C HIS B 362 11.00 -5.41 5.44
N THR B 363 11.31 -5.70 6.69
CA THR B 363 11.80 -7.01 7.08
C THR B 363 10.61 -7.96 7.02
N CYS B 364 9.52 -7.53 7.64
CA CYS B 364 8.29 -8.31 7.67
C CYS B 364 7.74 -8.61 6.27
N TYR B 365 7.64 -7.59 5.44
CA TYR B 365 7.09 -7.80 4.11
C TYR B 365 8.06 -8.34 3.08
N CYS B 366 9.36 -8.19 3.31
CA CYS B 366 10.33 -8.75 2.38
C CYS B 366 10.29 -10.25 2.60
N LEU B 367 10.27 -10.65 3.87
CA LEU B 367 10.23 -12.05 4.24
C LEU B 367 8.87 -12.66 3.89
N SER B 368 7.80 -11.88 4.07
CA SER B 368 6.48 -12.37 3.74
C SER B 368 6.42 -12.58 2.22
N GLY B 369 7.00 -11.65 1.48
CA GLY B 369 7.03 -11.76 0.02
C GLY B 369 7.69 -13.06 -0.36
N LEU B 370 8.94 -13.20 0.06
CA LEU B 370 9.73 -14.42 -0.21
C LEU B 370 8.91 -15.69 0.03
N SER B 371 8.32 -15.82 1.21
CA SER B 371 7.52 -16.99 1.53
C SER B 371 6.47 -17.27 0.45
N ILE B 372 5.82 -16.22 -0.04
CA ILE B 372 4.79 -16.38 -1.08
C ILE B 372 5.49 -16.79 -2.38
N ALA B 373 6.69 -16.26 -2.62
CA ALA B 373 7.42 -16.58 -3.84
C ALA B 373 7.90 -18.03 -3.87
N GLN B 374 7.94 -18.66 -2.70
CA GLN B 374 8.40 -20.03 -2.58
C GLN B 374 7.29 -21.07 -2.53
N HIS B 375 6.16 -20.72 -1.92
CA HIS B 375 5.05 -21.67 -1.77
C HIS B 375 3.82 -21.46 -2.63
N PHE B 376 3.39 -22.53 -3.31
CA PHE B 376 2.20 -22.49 -4.14
C PHE B 376 1.11 -23.38 -3.57
N GLY B 377 -0.11 -22.87 -3.59
CA GLY B 377 -1.25 -23.61 -3.10
C GLY B 377 -2.35 -23.63 -4.16
N SER B 378 -3.35 -24.45 -3.91
CA SER B 378 -4.52 -24.61 -4.78
C SER B 378 -5.01 -26.03 -4.54
N GLY B 379 -5.74 -26.22 -3.44
CA GLY B 379 -6.22 -27.55 -3.12
C GLY B 379 -5.01 -28.46 -2.93
N ALA B 380 -5.13 -29.71 -3.37
CA ALA B 380 -4.03 -30.67 -3.25
C ALA B 380 -2.72 -30.22 -3.92
N MET B 381 -2.85 -29.42 -4.97
CA MET B 381 -1.68 -28.92 -5.73
C MET B 381 -0.72 -28.01 -4.93
N LEU B 382 0.40 -28.56 -4.52
CA LEU B 382 1.40 -27.79 -3.78
C LEU B 382 2.77 -28.00 -4.39
N HIS B 383 3.33 -26.95 -4.97
CA HIS B 383 4.66 -27.04 -5.57
C HIS B 383 5.47 -25.82 -5.15
N ASP B 384 6.57 -26.09 -4.43
CA ASP B 384 7.44 -25.05 -3.91
C ASP B 384 8.71 -24.74 -4.67
N VAL B 385 8.96 -23.46 -4.85
CA VAL B 385 10.16 -22.98 -5.52
C VAL B 385 11.03 -22.39 -4.42
N VAL B 386 12.32 -22.77 -4.39
CA VAL B 386 13.23 -22.28 -3.36
C VAL B 386 14.65 -22.03 -3.89
N LEU B 387 14.86 -20.85 -4.44
CA LEU B 387 16.16 -20.43 -4.97
C LEU B 387 17.24 -20.46 -3.85
N GLY B 388 18.50 -20.43 -4.25
CA GLY B 388 19.55 -20.46 -3.24
C GLY B 388 19.59 -21.80 -2.54
N VAL B 389 19.99 -21.81 -1.28
CA VAL B 389 20.08 -23.06 -0.52
C VAL B 389 18.70 -23.46 -0.01
N PRO B 390 18.60 -24.63 0.64
CA PRO B 390 17.33 -25.14 1.17
C PRO B 390 16.92 -24.49 2.47
N GLU B 391 17.91 -23.89 3.15
CA GLU B 391 17.67 -23.20 4.43
C GLU B 391 16.86 -21.92 4.20
N ASN B 392 16.98 -21.36 3.00
CA ASN B 392 16.25 -20.16 2.66
C ASN B 392 14.72 -20.41 2.68
N ALA B 393 14.27 -21.66 2.56
CA ALA B 393 12.85 -21.92 2.57
C ALA B 393 12.25 -21.35 3.86
N LEU B 394 11.12 -20.66 3.74
CA LEU B 394 10.47 -20.03 4.89
C LEU B 394 9.14 -20.67 5.19
N GLN B 395 8.52 -20.29 6.30
CA GLN B 395 7.22 -20.82 6.68
C GLN B 395 6.15 -20.10 5.88
N PRO B 396 5.14 -20.83 5.41
CA PRO B 396 4.07 -20.21 4.62
C PRO B 396 3.32 -19.11 5.39
N THR B 397 2.58 -18.28 4.66
CA THR B 397 1.82 -17.22 5.30
C THR B 397 0.50 -17.12 4.57
N HIS B 398 -0.56 -16.88 5.33
CA HIS B 398 -1.91 -16.75 4.77
C HIS B 398 -2.04 -15.43 4.04
N PRO B 399 -2.16 -15.48 2.70
CA PRO B 399 -2.28 -14.26 1.90
C PRO B 399 -3.31 -13.22 2.32
N VAL B 400 -4.33 -13.60 3.10
CA VAL B 400 -5.31 -12.60 3.48
C VAL B 400 -5.00 -11.82 4.76
N TYR B 401 -4.30 -12.46 5.70
CA TYR B 401 -3.94 -11.84 6.98
C TYR B 401 -2.44 -11.65 7.20
N ASN B 402 -1.66 -12.35 6.39
CA ASN B 402 -0.21 -12.31 6.46
C ASN B 402 0.29 -12.82 7.80
N ILE B 403 -0.29 -13.92 8.23
CA ILE B 403 0.12 -14.58 9.45
C ILE B 403 0.04 -16.06 9.10
N GLY B 404 0.72 -16.91 9.86
CA GLY B 404 0.71 -18.33 9.55
C GLY B 404 -0.64 -18.89 9.15
N PRO B 405 -0.69 -19.71 8.08
CA PRO B 405 -1.95 -20.31 7.63
C PRO B 405 -2.64 -21.00 8.80
N ASP B 406 -1.83 -21.67 9.63
CA ASP B 406 -2.30 -22.37 10.83
C ASP B 406 -2.73 -21.41 11.95
N LYS B 407 -2.07 -20.25 12.03
CA LYS B 407 -2.41 -19.26 13.04
C LYS B 407 -3.85 -18.82 12.81
N VAL B 408 -4.27 -18.85 11.55
CA VAL B 408 -5.63 -18.45 11.16
C VAL B 408 -6.66 -19.51 11.54
N ILE B 409 -6.46 -20.73 11.04
CA ILE B 409 -7.37 -21.84 11.33
C ILE B 409 -7.55 -21.93 12.84
N GLN B 410 -6.43 -21.94 13.54
CA GLN B 410 -6.43 -22.04 15.00
C GLN B 410 -7.26 -20.94 15.67
N ALA B 411 -7.06 -19.70 15.21
CA ALA B 411 -7.74 -18.52 15.75
C ALA B 411 -9.24 -18.43 15.48
N THR B 412 -9.64 -18.57 14.22
CA THR B 412 -11.06 -18.52 13.89
C THR B 412 -11.79 -19.66 14.59
N THR B 413 -11.17 -20.84 14.65
CA THR B 413 -11.76 -22.02 15.30
C THR B 413 -12.19 -21.65 16.71
N TYR B 414 -11.20 -21.18 17.47
CA TYR B 414 -11.37 -20.77 18.85
C TYR B 414 -12.53 -19.78 19.07
N PHE B 415 -12.65 -18.79 18.19
CA PHE B 415 -13.69 -17.78 18.33
C PHE B 415 -15.02 -18.25 17.76
N LEU B 416 -14.99 -19.25 16.89
CA LEU B 416 -16.22 -19.80 16.33
C LEU B 416 -16.91 -20.48 17.50
N GLN B 417 -16.12 -21.09 18.37
CA GLN B 417 -16.62 -21.74 19.59
C GLN B 417 -16.96 -20.61 20.56
N LYS B 418 -17.49 -19.50 20.04
CA LYS B 418 -17.83 -18.34 20.89
C LYS B 418 -19.11 -17.73 20.34
N PRO B 419 -19.79 -16.90 21.15
CA PRO B 419 -21.04 -16.26 20.69
C PRO B 419 -20.71 -15.27 19.56
N VAL B 420 -21.61 -14.31 19.30
CA VAL B 420 -21.34 -13.33 18.26
C VAL B 420 -21.90 -11.95 18.57
N PRO B 421 -23.24 -11.83 18.69
CA PRO B 421 -23.94 -10.57 18.98
C PRO B 421 -23.04 -9.42 19.40
ZN ZN C . 8.40 0.00 1.15
C1 FPP D . 2.66 6.32 -1.13
O1 FPP D . 3.93 5.78 -0.92
C2 FPP D . 1.73 5.32 -0.50
C3 FPP D . 0.83 5.45 0.46
C4 FPP D . 0.51 6.72 1.21
C5 FPP D . 0.03 4.25 0.91
C6 FPP D . 0.80 2.98 1.26
C7 FPP D . 0.14 1.74 1.77
C8 FPP D . 0.56 0.46 1.82
C10 FPP D . 1.84 -0.16 1.38
C9 FPP D . -0.32 -0.59 2.44
C11 FPP D . -0.89 -0.19 3.83
C12 FPP D . -1.74 -1.21 4.47
C13 FPP D . -2.42 -1.28 5.62
C14 FPP D . -2.51 -0.25 6.66
C15 FPP D . -3.19 -2.55 5.95
PA FPP D . 5.20 6.46 -1.52
O1A FPP D . 4.92 7.72 -2.28
O2A FPP D . 6.08 6.66 -0.31
O3A FPP D . 6.03 5.38 -2.29
PB FPP D . 5.81 4.67 -3.66
O1B FPP D . 6.80 3.64 -4.06
O2B FPP D . 5.76 5.75 -4.66
O3B FPP D . 4.45 4.08 -3.48
C2 3MN E . 6.17 5.18 2.62
N4 3MN E . 6.40 3.91 1.90
C29 3MN E . 7.43 3.04 2.05
C21 3MN E . 5.54 3.34 0.87
C30 3MN E . 6.10 2.19 0.47
N5 3MN E . 7.32 1.99 1.24
C1 3MN E . 4.69 5.49 3.05
C16 3MN E . 3.85 4.40 3.74
C18 3MN E . 5.20 2.98 5.32
N2 3MN E . 5.32 2.81 6.63
C14 3MN E . 4.46 3.70 7.39
C4 3MN E . 3.77 4.45 6.21
N1 3MN E . 4.27 3.95 5.06
O1 3MN E . 5.83 2.32 4.51
O2 3MN E . 2.92 5.32 6.32
C11 3MN E . 6.22 1.78 7.22
C19 3MN E . 7.62 2.04 7.69
C12 3MN E . 8.03 1.25 8.78
C15 3MN E . 9.32 1.36 9.32
C23 3MN E . 10.25 2.28 8.77
C5 3MN E . 9.86 3.09 7.65
C6 3MN E . 8.54 2.97 7.11
C7 3MN E . 9.65 0.52 10.42
N3 3MN E . 9.90 -0.22 11.26
C20 3MN E . 2.33 2.75 10.53
C13 3MN E . 1.61 1.61 10.13
C17 3MN E . 1.76 1.11 8.82
C24 3MN E . 2.66 1.73 7.86
C25 3MN E . 3.44 2.94 8.29
C26 3MN E . 3.23 3.39 9.63
C27 3MN E . 1.01 -0.04 8.46
C8 3MN E . 1.12 -0.60 7.16
C9 3MN E . 1.98 -0.01 6.21
C10 3MN E . 2.73 1.11 6.55
C28 3MN E . 5.34 4.77 8.12
#